data_3IUR
#
_entry.id   3IUR
#
_cell.length_a   63.957
_cell.length_b   95.039
_cell.length_c   163.620
_cell.angle_alpha   90.00
_cell.angle_beta   90.00
_cell.angle_gamma   90.00
#
_symmetry.space_group_name_H-M   'P 21 21 21'
#
loop_
_entity.id
_entity.type
_entity.pdbx_description
1 polymer 'Prolyl Endopeptidase'
2 polymer 'H2H3 helices from villin headpiece subdomain HP35'
3 non-polymer GLYCEROL
4 non-polymer 'POLYETHYLENE GLYCOL (N=34)'
5 water water
#
loop_
_entity_poly.entity_id
_entity_poly.type
_entity_poly.pdbx_seq_one_letter_code
_entity_poly.pdbx_strand_id
1 'polypeptide(L)'
;GSHMSGKARLHYPVTRQGEQVDHYFGQAVADPYRWLEDDRSPETEAWVKAQNAVTQDYLAQIPYRAAIKEKLAASWNYAK
EGAPFREGRYHYFFKNDGLQNQNVLWRQQEGKPAEVFLDPNTLSPDGTTALDQLSFSRDGRILAYSLSLAGSDWREIHLM
DVESKQPLETPLKDVKFSGISWLGNEGFFYSSYDKPDGSELSARTDQHKVYFHRLGTAQEDDRLVFGAIPAQHHRYVGAT
VTEDDRFLLISAANSTSGNRLYVKDLSQENAPLLTVQGDLDADVSLVDNKGSTLYLLTNRDAPNRRLVTVDAANPGPAHW
RDLIPERQQVLTVHSGSGYLFAEYMVDATARVEQFDYEGKRVREVALPGLGSVSGFNGKHDDPALYFGFENYAQPPTLYR
FEPKSGAISLYRASAAPFKPEDYVSEQRFYQSKDGTRVPLIISYRKGLKLDGSNPTILYGYGGFDVSLTPSFSVSVANWL
DLGGVYAVANLRGGGEYGQAWHLAGTQQNKQNVFDDFIAAAEYLKAEGYTRTDRLAIRGGSNGGLLVGAVMTQRPDLMRV
ALPAVGVLDMLRYHTFTAGTGWAYDYGTSADSEAMFDYLKGYSPLHNVRPGVSYPSTMVTTADHNDRVVPAHSFKFAATL
QADNAGPHPQLIRIETNAGHGAGTPVAKLIEQSADIYAFTLYEMGYRELPRQP
;
A
2 'polypeptide(L)' MTRSAFANLPLWKQQNHKKEKGLF B,C
#
loop_
_chem_comp.id
_chem_comp.type
_chem_comp.name
_chem_comp.formula
15P non-polymer 'POLYETHYLENE GLYCOL (N=34)' 'C69 H140 O35'
GOL non-polymer GLYCEROL 'C3 H8 O3'
#
# COMPACT_ATOMS: atom_id res chain seq x y z
N LEU A 10 28.60 25.48 11.99
CA LEU A 10 27.82 25.06 10.79
C LEU A 10 27.53 26.28 9.92
N HIS A 11 28.02 26.26 8.69
CA HIS A 11 27.80 27.37 7.76
C HIS A 11 27.05 26.88 6.52
N TYR A 12 25.84 27.40 6.33
CA TYR A 12 25.03 27.01 5.19
C TYR A 12 25.54 27.66 3.91
N PRO A 13 25.28 27.01 2.77
CA PRO A 13 25.70 27.56 1.49
C PRO A 13 24.90 28.85 1.35
N VAL A 14 25.40 29.82 0.61
CA VAL A 14 24.67 31.05 0.41
C VAL A 14 23.52 30.74 -0.56
N THR A 15 22.33 31.28 -0.28
CA THR A 15 21.21 31.07 -1.18
C THR A 15 20.76 32.46 -1.55
N ARG A 16 21.05 32.89 -2.77
CA ARG A 16 20.67 34.23 -3.17
C ARG A 16 19.15 34.36 -3.26
N GLN A 17 18.67 35.56 -2.95
CA GLN A 17 17.25 35.84 -3.00
C GLN A 17 16.95 36.64 -4.26
N GLY A 18 15.98 36.19 -5.03
CA GLY A 18 15.59 36.91 -6.22
C GLY A 18 14.57 37.99 -5.88
N GLU A 19 13.97 38.61 -6.89
CA GLU A 19 12.98 39.67 -6.66
C GLU A 19 11.57 39.32 -7.14
N GLN A 20 11.37 38.06 -7.53
CA GLN A 20 10.06 37.63 -8.00
C GLN A 20 8.99 37.89 -6.94
N VAL A 21 7.88 38.46 -7.39
CA VAL A 21 6.74 38.75 -6.53
C VAL A 21 5.50 38.32 -7.26
N ASP A 22 4.67 37.52 -6.59
CA ASP A 22 3.44 37.04 -7.22
C ASP A 22 2.27 37.79 -6.62
N HIS A 23 1.13 37.72 -7.29
CA HIS A 23 -0.07 38.39 -6.78
C HIS A 23 -1.27 37.48 -6.86
N TYR A 24 -2.07 37.49 -5.79
CA TYR A 24 -3.27 36.67 -5.70
C TYR A 24 -4.37 37.54 -5.13
N PHE A 25 -5.41 37.76 -5.92
CA PHE A 25 -6.53 38.58 -5.47
C PHE A 25 -6.09 39.90 -4.86
N GLY A 26 -5.18 40.60 -5.56
CA GLY A 26 -4.69 41.87 -5.09
C GLY A 26 -3.63 41.82 -4.01
N GLN A 27 -3.26 40.62 -3.57
CA GLN A 27 -2.25 40.48 -2.54
C GLN A 27 -0.89 40.09 -3.12
N ALA A 28 0.15 40.79 -2.68
CA ALA A 28 1.49 40.52 -3.13
C ALA A 28 2.16 39.50 -2.22
N VAL A 29 2.91 38.59 -2.82
CA VAL A 29 3.61 37.56 -2.07
C VAL A 29 5.00 37.39 -2.69
N ALA A 30 6.03 37.71 -1.93
CA ALA A 30 7.41 37.59 -2.42
C ALA A 30 7.84 36.13 -2.47
N ASP A 31 8.60 35.76 -3.52
CA ASP A 31 9.10 34.40 -3.68
C ASP A 31 10.58 34.48 -4.05
N PRO A 32 11.43 34.89 -3.08
CA PRO A 32 12.88 35.02 -3.29
C PRO A 32 13.66 33.80 -3.76
N TYR A 33 13.09 32.60 -3.61
CA TYR A 33 13.80 31.39 -4.03
C TYR A 33 13.15 30.76 -5.26
N ARG A 34 12.38 31.57 -5.98
CA ARG A 34 11.70 31.13 -7.18
C ARG A 34 12.67 30.42 -8.12
N TRP A 35 13.91 30.90 -8.19
CA TRP A 35 14.89 30.28 -9.08
C TRP A 35 15.20 28.84 -8.75
N LEU A 36 14.96 28.44 -7.50
CA LEU A 36 15.22 27.06 -7.11
C LEU A 36 14.18 26.11 -7.69
N GLU A 37 13.08 26.66 -8.22
CA GLU A 37 12.06 25.77 -8.79
C GLU A 37 12.58 24.99 -10.00
N ASP A 38 13.65 25.48 -10.62
CA ASP A 38 14.24 24.80 -11.77
C ASP A 38 15.32 23.85 -11.26
N ASP A 39 14.96 22.58 -11.07
CA ASP A 39 15.91 21.60 -10.54
C ASP A 39 16.97 21.13 -11.53
N ARG A 40 16.95 21.66 -12.75
CA ARG A 40 17.94 21.25 -13.74
C ARG A 40 18.80 22.41 -14.23
N SER A 41 18.67 23.56 -13.59
CA SER A 41 19.47 24.71 -13.99
C SER A 41 20.82 24.60 -13.32
N PRO A 42 21.86 25.18 -13.93
CA PRO A 42 23.22 25.14 -13.37
C PRO A 42 23.28 25.69 -11.95
N GLU A 43 22.62 26.81 -11.71
CA GLU A 43 22.65 27.41 -10.38
C GLU A 43 21.97 26.54 -9.31
N THR A 44 20.88 25.85 -9.65
CA THR A 44 20.20 25.00 -8.69
C THR A 44 21.03 23.75 -8.42
N GLU A 45 21.53 23.11 -9.47
CA GLU A 45 22.33 21.90 -9.29
C GLU A 45 23.61 22.16 -8.49
N ALA A 46 24.15 23.38 -8.57
CA ALA A 46 25.33 23.72 -7.80
C ALA A 46 24.93 23.90 -6.32
N TRP A 47 23.73 24.45 -6.11
CA TRP A 47 23.18 24.67 -4.78
C TRP A 47 22.98 23.31 -4.12
N VAL A 48 22.40 22.37 -4.87
CA VAL A 48 22.15 21.02 -4.38
C VAL A 48 23.46 20.39 -3.91
N LYS A 49 24.49 20.49 -4.74
CA LYS A 49 25.79 19.93 -4.42
C LYS A 49 26.36 20.53 -3.14
N ALA A 50 26.26 21.85 -3.01
CA ALA A 50 26.77 22.55 -1.83
C ALA A 50 25.97 22.20 -0.56
N GLN A 51 24.66 22.04 -0.69
CA GLN A 51 23.82 21.68 0.45
C GLN A 51 24.17 20.26 0.91
N ASN A 52 24.31 19.36 -0.03
CA ASN A 52 24.65 17.97 0.28
C ASN A 52 26.01 17.88 1.01
N ALA A 53 26.95 18.73 0.62
CA ALA A 53 28.27 18.73 1.24
C ALA A 53 28.17 19.15 2.70
N VAL A 54 27.35 20.16 2.98
CA VAL A 54 27.19 20.63 4.35
C VAL A 54 26.47 19.56 5.18
N THR A 55 25.45 18.94 4.61
CA THR A 55 24.70 17.90 5.30
C THR A 55 25.56 16.66 5.60
N GLN A 56 26.33 16.21 4.61
CA GLN A 56 27.18 15.04 4.83
C GLN A 56 28.25 15.34 5.87
N ASP A 57 28.77 16.56 5.86
CA ASP A 57 29.78 16.96 6.83
C ASP A 57 29.19 16.95 8.24
N TYR A 58 27.97 17.46 8.38
CA TYR A 58 27.33 17.49 9.70
C TYR A 58 27.10 16.06 10.21
N LEU A 59 26.59 15.20 9.34
CA LEU A 59 26.30 13.81 9.70
C LEU A 59 27.54 12.98 10.01
N ALA A 60 28.66 13.35 9.38
CA ALA A 60 29.92 12.66 9.57
C ALA A 60 30.41 12.72 11.01
N GLN A 61 29.94 13.70 11.76
CA GLN A 61 30.39 13.84 13.15
C GLN A 61 29.55 13.03 14.13
N ILE A 62 28.53 12.33 13.63
CA ILE A 62 27.69 11.53 14.52
C ILE A 62 28.41 10.19 14.74
N PRO A 63 28.87 9.95 15.98
CA PRO A 63 29.61 8.78 16.46
C PRO A 63 29.05 7.40 16.12
N TYR A 64 27.75 7.22 16.35
CA TYR A 64 27.10 5.94 16.13
C TYR A 64 26.36 5.77 14.82
N ARG A 65 26.60 6.64 13.85
CA ARG A 65 25.91 6.51 12.56
C ARG A 65 26.29 5.21 11.86
N ALA A 66 27.56 4.85 11.89
CA ALA A 66 28.01 3.62 11.24
C ALA A 66 27.42 2.39 11.91
N ALA A 67 27.30 2.40 13.23
CA ALA A 67 26.73 1.25 13.92
C ALA A 67 25.26 1.03 13.53
N ILE A 68 24.51 2.13 13.43
CA ILE A 68 23.09 2.04 13.04
C ILE A 68 23.00 1.49 11.62
N LYS A 69 23.81 2.02 10.72
CA LYS A 69 23.78 1.54 9.34
C LYS A 69 24.13 0.05 9.27
N GLU A 70 25.10 -0.36 10.09
CA GLU A 70 25.53 -1.77 10.13
C GLU A 70 24.39 -2.69 10.54
N LYS A 71 23.66 -2.33 11.59
CA LYS A 71 22.55 -3.17 12.02
C LYS A 71 21.44 -3.22 10.98
N LEU A 72 21.17 -2.08 10.34
CA LEU A 72 20.13 -2.02 9.31
C LEU A 72 20.49 -2.97 8.17
N ALA A 73 21.71 -2.83 7.63
CA ALA A 73 22.15 -3.66 6.52
C ALA A 73 22.13 -5.15 6.87
N ALA A 74 22.52 -5.47 8.09
CA ALA A 74 22.57 -6.86 8.54
C ALA A 74 21.20 -7.50 8.73
N SER A 75 20.18 -6.69 8.96
CA SER A 75 18.83 -7.25 9.19
C SER A 75 17.85 -6.96 8.07
N TRP A 76 18.33 -6.31 7.02
CA TRP A 76 17.48 -5.92 5.91
C TRP A 76 16.88 -7.06 5.08
N ASN A 77 17.68 -8.08 4.81
CA ASN A 77 17.24 -9.21 3.99
C ASN A 77 17.10 -10.48 4.81
N TYR A 78 16.05 -11.24 4.52
CA TYR A 78 15.82 -12.49 5.24
C TYR A 78 14.89 -13.41 4.44
N ALA A 79 14.97 -14.71 4.69
CA ALA A 79 14.15 -15.69 3.98
C ALA A 79 12.66 -15.52 4.23
N LYS A 80 11.86 -15.95 3.25
CA LYS A 80 10.41 -15.88 3.32
C LYS A 80 9.81 -17.15 2.72
N GLU A 81 8.61 -17.47 3.13
CA GLU A 81 7.94 -18.68 2.66
C GLU A 81 6.44 -18.39 2.65
N GLY A 82 5.74 -18.86 1.62
CA GLY A 82 4.31 -18.65 1.55
C GLY A 82 3.50 -19.81 2.12
N ALA A 83 2.18 -19.63 2.16
CA ALA A 83 1.30 -20.67 2.66
C ALA A 83 1.25 -21.83 1.64
N PRO A 84 1.14 -23.06 2.11
CA PRO A 84 1.10 -24.21 1.20
C PRO A 84 -0.28 -24.39 0.59
N PHE A 85 -0.34 -24.96 -0.60
CA PHE A 85 -1.61 -25.22 -1.25
C PHE A 85 -1.51 -26.55 -1.97
N ARG A 86 -2.54 -27.38 -1.82
CA ARG A 86 -2.54 -28.69 -2.44
C ARG A 86 -3.04 -28.73 -3.86
N GLU A 87 -2.28 -29.39 -4.73
CA GLU A 87 -2.66 -29.56 -6.14
C GLU A 87 -2.29 -31.00 -6.45
N GLY A 88 -3.27 -31.85 -6.72
CA GLY A 88 -2.95 -33.23 -7.00
C GLY A 88 -2.37 -33.90 -5.76
N ARG A 89 -1.27 -34.64 -5.92
CA ARG A 89 -0.69 -35.32 -4.75
C ARG A 89 0.43 -34.57 -4.04
N TYR A 90 0.57 -33.27 -4.32
CA TYR A 90 1.62 -32.47 -3.69
C TYR A 90 1.07 -31.24 -3.03
N HIS A 91 1.83 -30.71 -2.07
CA HIS A 91 1.49 -29.45 -1.45
C HIS A 91 2.57 -28.55 -2.04
N TYR A 92 2.17 -27.43 -2.62
CA TYR A 92 3.10 -26.48 -3.23
C TYR A 92 3.22 -25.24 -2.35
N PHE A 93 4.37 -24.58 -2.42
CA PHE A 93 4.57 -23.37 -1.64
C PHE A 93 5.77 -22.61 -2.18
N PHE A 94 5.65 -21.28 -2.17
CA PHE A 94 6.72 -20.40 -2.63
C PHE A 94 7.68 -20.08 -1.50
N LYS A 95 8.94 -19.86 -1.86
CA LYS A 95 9.99 -19.50 -0.91
C LYS A 95 10.91 -18.51 -1.59
N ASN A 96 11.63 -17.73 -0.77
CA ASN A 96 12.61 -16.79 -1.29
C ASN A 96 13.70 -16.78 -0.23
N ASP A 97 14.93 -17.09 -0.62
CA ASP A 97 16.03 -17.14 0.32
C ASP A 97 16.40 -15.76 0.89
N GLY A 98 15.79 -14.72 0.34
CA GLY A 98 16.06 -13.37 0.82
C GLY A 98 16.82 -12.50 -0.17
N LEU A 99 17.52 -13.14 -1.10
CA LEU A 99 18.28 -12.39 -2.11
C LEU A 99 17.79 -12.65 -3.53
N GLN A 100 17.11 -13.78 -3.73
CA GLN A 100 16.57 -14.15 -5.04
C GLN A 100 15.63 -13.08 -5.57
N ASN A 101 15.73 -12.80 -6.85
CA ASN A 101 14.88 -11.80 -7.49
C ASN A 101 13.42 -12.28 -7.53
N GLN A 102 13.20 -13.53 -7.93
CA GLN A 102 11.84 -14.07 -8.01
C GLN A 102 11.66 -15.21 -7.02
N ASN A 103 10.44 -15.34 -6.50
CA ASN A 103 10.13 -16.41 -5.56
C ASN A 103 10.21 -17.75 -6.30
N VAL A 104 10.65 -18.79 -5.60
CA VAL A 104 10.82 -20.11 -6.15
C VAL A 104 9.68 -21.01 -5.68
N LEU A 105 9.11 -21.78 -6.60
CA LEU A 105 8.01 -22.67 -6.24
C LEU A 105 8.54 -24.06 -5.88
N TRP A 106 8.28 -24.47 -4.64
CA TRP A 106 8.69 -25.78 -4.14
C TRP A 106 7.42 -26.62 -3.99
N ARG A 107 7.62 -27.91 -3.81
CA ARG A 107 6.47 -28.79 -3.58
C ARG A 107 6.93 -29.93 -2.69
N GLN A 108 5.97 -30.60 -2.08
CA GLN A 108 6.29 -31.72 -1.20
C GLN A 108 5.13 -32.68 -1.09
N GLN A 109 5.43 -33.96 -1.25
CA GLN A 109 4.44 -35.00 -1.13
C GLN A 109 4.55 -35.49 0.32
N GLU A 110 3.44 -35.60 1.01
CA GLU A 110 3.46 -36.06 2.40
C GLU A 110 4.23 -37.37 2.49
N GLY A 111 5.26 -37.39 3.34
CA GLY A 111 6.06 -38.58 3.48
C GLY A 111 7.38 -38.49 2.72
N LYS A 112 7.56 -37.45 1.93
CA LYS A 112 8.80 -37.28 1.17
C LYS A 112 9.40 -35.93 1.48
N PRO A 113 10.67 -35.70 1.10
CA PRO A 113 11.31 -34.41 1.36
C PRO A 113 10.83 -33.36 0.34
N ALA A 114 10.89 -32.08 0.70
CA ALA A 114 10.46 -31.01 -0.18
C ALA A 114 11.48 -30.89 -1.31
N GLU A 115 11.05 -30.38 -2.47
CA GLU A 115 11.94 -30.23 -3.61
C GLU A 115 11.59 -28.98 -4.42
N VAL A 116 12.56 -28.44 -5.14
CA VAL A 116 12.31 -27.28 -5.96
C VAL A 116 11.45 -27.77 -7.12
N PHE A 117 10.41 -27.03 -7.47
CA PHE A 117 9.55 -27.43 -8.57
C PHE A 117 9.71 -26.52 -9.80
N LEU A 118 9.70 -25.21 -9.59
CA LEU A 118 9.87 -24.24 -10.67
C LEU A 118 10.62 -23.03 -10.17
N ASP A 119 11.84 -22.84 -10.68
CA ASP A 119 12.66 -21.71 -10.28
C ASP A 119 12.68 -20.70 -11.42
N PRO A 120 11.83 -19.66 -11.36
CA PRO A 120 11.75 -18.62 -12.40
C PRO A 120 13.06 -17.89 -12.68
N ASN A 121 13.85 -17.66 -11.63
CA ASN A 121 15.12 -16.93 -11.78
C ASN A 121 16.00 -17.48 -12.89
N THR A 122 16.06 -18.81 -12.99
CA THR A 122 16.89 -19.46 -13.99
C THR A 122 16.20 -19.68 -15.34
N LEU A 123 14.98 -19.19 -15.51
CA LEU A 123 14.28 -19.38 -16.78
C LEU A 123 15.03 -18.68 -17.90
N SER A 124 15.87 -17.71 -17.53
CA SER A 124 16.65 -16.99 -18.50
C SER A 124 17.91 -16.45 -17.85
N PRO A 125 19.06 -16.64 -18.51
CA PRO A 125 20.31 -16.13 -17.93
C PRO A 125 20.10 -14.61 -17.78
N ASP A 126 20.44 -14.08 -16.61
CA ASP A 126 20.25 -12.66 -16.29
C ASP A 126 18.85 -12.44 -15.75
N GLY A 127 18.13 -13.55 -15.55
CA GLY A 127 16.78 -13.53 -15.01
C GLY A 127 15.82 -12.46 -15.50
N THR A 128 15.66 -12.35 -16.82
CA THR A 128 14.74 -11.36 -17.39
C THR A 128 13.34 -11.94 -17.71
N THR A 129 13.20 -13.26 -17.53
CA THR A 129 11.92 -13.94 -17.76
C THR A 129 11.24 -14.09 -16.40
N ALA A 130 10.06 -13.48 -16.25
CA ALA A 130 9.35 -13.54 -14.98
C ALA A 130 8.07 -14.39 -15.01
N LEU A 131 7.76 -15.01 -13.87
CA LEU A 131 6.57 -15.84 -13.73
C LEU A 131 5.40 -14.95 -13.36
N ASP A 132 4.32 -15.00 -14.14
CA ASP A 132 3.15 -14.19 -13.87
C ASP A 132 1.99 -15.05 -13.31
N GLN A 133 1.10 -15.54 -14.18
CA GLN A 133 -0.02 -16.37 -13.71
C GLN A 133 0.36 -17.84 -13.60
N LEU A 134 -0.23 -18.53 -12.63
CA LEU A 134 0.03 -19.95 -12.35
C LEU A 134 -1.35 -20.58 -12.15
N SER A 135 -1.66 -21.63 -12.89
CA SER A 135 -2.97 -22.25 -12.75
C SER A 135 -2.92 -23.75 -13.10
N PHE A 136 -3.19 -24.61 -12.10
CA PHE A 136 -3.18 -26.06 -12.28
C PHE A 136 -4.53 -26.55 -12.78
N SER A 137 -4.52 -27.65 -13.53
CA SER A 137 -5.77 -28.24 -14.00
C SER A 137 -6.49 -28.74 -12.73
N ARG A 138 -7.77 -29.09 -12.85
CA ARG A 138 -8.54 -29.56 -11.70
C ARG A 138 -7.89 -30.73 -10.95
N ASP A 139 -7.28 -31.66 -11.68
CA ASP A 139 -6.65 -32.82 -11.04
C ASP A 139 -5.21 -32.53 -10.59
N GLY A 140 -4.72 -31.33 -10.92
CA GLY A 140 -3.37 -30.94 -10.51
C GLY A 140 -2.24 -31.60 -11.28
N ARG A 141 -2.57 -32.32 -12.33
CA ARG A 141 -1.58 -33.03 -13.14
C ARG A 141 -0.92 -32.17 -14.21
N ILE A 142 -1.57 -31.09 -14.61
CA ILE A 142 -1.02 -30.21 -15.62
C ILE A 142 -0.97 -28.79 -15.07
N LEU A 143 0.12 -28.08 -15.38
CA LEU A 143 0.26 -26.72 -14.93
C LEU A 143 0.35 -25.76 -16.12
N ALA A 144 -0.52 -24.76 -16.12
CA ALA A 144 -0.48 -23.74 -17.16
C ALA A 144 0.05 -22.51 -16.41
N TYR A 145 1.08 -21.87 -16.96
CA TYR A 145 1.63 -20.68 -16.31
C TYR A 145 2.09 -19.69 -17.36
N SER A 146 1.93 -18.40 -17.08
CA SER A 146 2.35 -17.39 -18.05
C SER A 146 3.67 -16.75 -17.64
N LEU A 147 4.49 -16.45 -18.64
CA LEU A 147 5.79 -15.84 -18.45
C LEU A 147 5.90 -14.54 -19.24
N SER A 148 6.63 -13.59 -18.69
CA SER A 148 6.85 -12.29 -19.35
C SER A 148 8.35 -12.09 -19.56
N LEU A 149 8.71 -11.37 -20.61
CA LEU A 149 10.12 -11.10 -20.91
C LEU A 149 10.38 -9.60 -20.87
N ALA A 150 11.35 -9.18 -20.06
CA ALA A 150 11.67 -7.78 -19.92
C ALA A 150 10.46 -7.09 -19.27
N GLY A 151 10.28 -5.82 -19.58
CA GLY A 151 9.15 -5.09 -19.03
C GLY A 151 8.04 -5.10 -20.08
N SER A 152 7.82 -6.27 -20.66
CA SER A 152 6.82 -6.43 -21.70
C SER A 152 5.47 -6.90 -21.18
N ASP A 153 4.41 -6.37 -21.77
CA ASP A 153 3.04 -6.71 -21.43
C ASP A 153 2.65 -8.04 -22.09
N TRP A 154 3.44 -8.44 -23.08
CA TRP A 154 3.19 -9.69 -23.79
C TRP A 154 3.44 -10.87 -22.89
N ARG A 155 2.74 -11.97 -23.16
CA ARG A 155 2.91 -13.19 -22.38
C ARG A 155 2.83 -14.40 -23.27
N GLU A 156 3.35 -15.50 -22.75
CA GLU A 156 3.27 -16.79 -23.41
C GLU A 156 2.71 -17.69 -22.32
N ILE A 157 1.78 -18.57 -22.66
CA ILE A 157 1.26 -19.48 -21.64
C ILE A 157 1.88 -20.86 -21.85
N HIS A 158 2.68 -21.29 -20.87
CA HIS A 158 3.33 -22.59 -20.96
C HIS A 158 2.49 -23.66 -20.30
N LEU A 159 2.64 -24.88 -20.79
CA LEU A 159 1.91 -26.04 -20.29
C LEU A 159 2.92 -27.11 -19.91
N MET A 160 2.90 -27.48 -18.64
CA MET A 160 3.83 -28.46 -18.10
C MET A 160 3.14 -29.68 -17.48
N ASP A 161 3.69 -30.86 -17.75
CA ASP A 161 3.21 -32.08 -17.14
C ASP A 161 3.92 -32.00 -15.78
N VAL A 162 3.18 -31.88 -14.69
CA VAL A 162 3.83 -31.71 -13.38
C VAL A 162 4.69 -32.86 -12.85
N GLU A 163 4.38 -34.10 -13.21
CA GLU A 163 5.20 -35.22 -12.73
C GLU A 163 6.56 -35.27 -13.43
N SER A 164 6.58 -35.17 -14.76
CA SER A 164 7.83 -35.21 -15.50
C SER A 164 8.52 -33.84 -15.53
N LYS A 165 7.74 -32.80 -15.26
CA LYS A 165 8.24 -31.42 -15.26
C LYS A 165 8.68 -30.95 -16.65
N GLN A 166 8.24 -31.66 -17.69
CA GLN A 166 8.56 -31.31 -19.08
C GLN A 166 7.34 -30.69 -19.76
N PRO A 167 7.55 -29.86 -20.79
CA PRO A 167 6.47 -29.20 -21.54
C PRO A 167 5.51 -30.23 -22.11
N LEU A 168 4.22 -29.95 -21.99
CA LEU A 168 3.21 -30.86 -22.53
C LEU A 168 2.92 -30.47 -23.98
N GLU A 169 2.86 -29.16 -24.24
CA GLU A 169 2.58 -28.67 -25.58
C GLU A 169 3.46 -27.46 -25.83
N THR A 170 3.41 -26.96 -27.06
CA THR A 170 4.17 -25.78 -27.40
C THR A 170 3.40 -24.64 -26.70
N PRO A 171 4.10 -23.62 -26.18
CA PRO A 171 3.40 -22.53 -25.49
C PRO A 171 2.45 -21.68 -26.34
N LEU A 172 1.41 -21.14 -25.70
CA LEU A 172 0.45 -20.29 -26.39
C LEU A 172 1.13 -18.93 -26.52
N LYS A 173 1.02 -18.31 -27.68
CA LYS A 173 1.67 -17.03 -27.91
C LYS A 173 0.74 -15.83 -28.04
N ASP A 174 1.33 -14.65 -27.98
CA ASP A 174 0.62 -13.37 -28.11
C ASP A 174 -0.54 -13.17 -27.14
N VAL A 175 -0.35 -13.59 -25.90
CA VAL A 175 -1.35 -13.46 -24.87
C VAL A 175 -1.04 -12.13 -24.20
N LYS A 176 -2.07 -11.46 -23.67
CA LYS A 176 -1.86 -10.18 -23.01
C LYS A 176 -3.00 -9.86 -22.05
N PHE A 177 -2.65 -9.28 -20.90
CA PHE A 177 -3.63 -8.91 -19.85
C PHE A 177 -4.60 -10.08 -19.64
N SER A 178 -4.03 -11.25 -19.39
CA SER A 178 -4.84 -12.46 -19.25
C SER A 178 -4.76 -13.28 -17.97
N GLY A 179 -5.88 -13.90 -17.64
CA GLY A 179 -5.92 -14.80 -16.52
C GLY A 179 -5.83 -16.17 -17.17
N ILE A 180 -5.86 -17.24 -16.37
CA ILE A 180 -5.82 -18.60 -16.88
C ILE A 180 -6.83 -19.35 -16.01
N SER A 181 -7.94 -19.80 -16.59
CA SER A 181 -8.94 -20.50 -15.78
C SER A 181 -9.38 -21.79 -16.44
N TRP A 182 -9.10 -22.89 -15.76
CA TRP A 182 -9.41 -24.23 -16.25
C TRP A 182 -10.85 -24.66 -16.14
N LEU A 183 -11.27 -25.45 -17.13
CA LEU A 183 -12.58 -26.06 -17.11
C LEU A 183 -12.15 -27.51 -16.91
N GLY A 184 -12.26 -27.99 -15.67
CA GLY A 184 -11.85 -29.35 -15.36
C GLY A 184 -10.42 -29.63 -15.80
N ASN A 185 -10.25 -30.72 -16.56
CA ASN A 185 -8.94 -31.12 -17.08
C ASN A 185 -8.95 -31.09 -18.61
N GLU A 186 -9.96 -30.43 -19.19
CA GLU A 186 -10.13 -30.31 -20.64
C GLU A 186 -9.28 -29.22 -21.27
N GLY A 187 -9.21 -28.08 -20.59
CA GLY A 187 -8.47 -26.95 -21.12
C GLY A 187 -8.79 -25.72 -20.31
N PHE A 188 -8.40 -24.55 -20.80
CA PHE A 188 -8.60 -23.34 -20.05
C PHE A 188 -8.93 -22.12 -20.91
N PHE A 189 -9.56 -21.14 -20.26
CA PHE A 189 -9.93 -19.89 -20.90
C PHE A 189 -8.81 -18.89 -20.65
N TYR A 190 -8.57 -18.02 -21.63
CA TYR A 190 -7.55 -16.98 -21.50
C TYR A 190 -7.97 -15.83 -22.43
N SER A 191 -7.27 -14.69 -22.34
CA SER A 191 -7.61 -13.54 -23.17
C SER A 191 -6.47 -13.16 -24.09
N SER A 192 -6.83 -12.62 -25.25
CA SER A 192 -5.86 -12.20 -26.26
C SER A 192 -6.48 -11.19 -27.23
N TYR A 193 -5.65 -10.30 -27.76
CA TYR A 193 -6.12 -9.30 -28.73
C TYR A 193 -6.18 -9.84 -30.17
N ASP A 194 -5.37 -10.86 -30.48
CA ASP A 194 -5.38 -11.38 -31.85
C ASP A 194 -6.10 -12.71 -32.00
N LYS A 195 -5.87 -13.39 -33.12
CA LYS A 195 -6.53 -14.67 -33.39
C LYS A 195 -5.57 -15.83 -33.59
N PRO A 196 -5.47 -16.75 -32.60
CA PRO A 196 -6.21 -16.72 -31.33
C PRO A 196 -5.42 -16.03 -30.22
N THR A 205 -5.89 -2.79 -33.36
CA THR A 205 -6.67 -3.80 -32.65
C THR A 205 -6.61 -3.63 -31.13
N ASP A 206 -7.69 -3.10 -30.59
CA ASP A 206 -7.86 -2.85 -29.15
C ASP A 206 -9.13 -3.58 -28.71
N GLN A 207 -9.38 -4.71 -29.35
CA GLN A 207 -10.54 -5.52 -29.05
C GLN A 207 -10.09 -6.81 -28.37
N HIS A 208 -10.18 -6.84 -27.05
CA HIS A 208 -9.73 -8.00 -26.29
C HIS A 208 -10.75 -9.11 -26.42
N LYS A 209 -10.26 -10.33 -26.56
CA LYS A 209 -11.17 -11.47 -26.72
C LYS A 209 -10.87 -12.63 -25.77
N VAL A 210 -11.91 -13.39 -25.44
CA VAL A 210 -11.76 -14.57 -24.60
C VAL A 210 -11.69 -15.80 -25.52
N TYR A 211 -10.70 -16.66 -25.28
CA TYR A 211 -10.51 -17.87 -26.05
C TYR A 211 -10.46 -19.08 -25.14
N PHE A 212 -10.83 -20.25 -25.66
CA PHE A 212 -10.74 -21.48 -24.89
C PHE A 212 -9.71 -22.36 -25.59
N HIS A 213 -8.66 -22.76 -24.87
CA HIS A 213 -7.65 -23.65 -25.43
C HIS A 213 -7.92 -25.05 -24.92
N ARG A 214 -8.17 -25.98 -25.83
CA ARG A 214 -8.42 -27.36 -25.42
C ARG A 214 -7.10 -28.10 -25.46
N LEU A 215 -6.81 -28.86 -24.40
CA LEU A 215 -5.55 -29.61 -24.38
C LEU A 215 -5.57 -30.64 -25.50
N GLY A 216 -4.42 -30.80 -26.16
CA GLY A 216 -4.32 -31.75 -27.25
C GLY A 216 -4.62 -31.14 -28.61
N THR A 217 -4.73 -29.82 -28.67
CA THR A 217 -5.03 -29.16 -29.93
C THR A 217 -4.08 -28.00 -30.12
N ALA A 218 -4.02 -27.47 -31.32
CA ALA A 218 -3.15 -26.35 -31.64
C ALA A 218 -3.83 -25.03 -31.29
N GLN A 219 -3.04 -24.04 -30.89
CA GLN A 219 -3.59 -22.75 -30.52
C GLN A 219 -4.48 -22.15 -31.61
N GLU A 220 -4.09 -22.33 -32.87
CA GLU A 220 -4.87 -21.79 -33.99
C GLU A 220 -6.31 -22.31 -34.00
N ASP A 221 -6.58 -23.41 -33.29
CA ASP A 221 -7.94 -23.93 -33.25
C ASP A 221 -8.74 -23.51 -32.01
N ASP A 222 -8.18 -22.65 -31.18
CA ASP A 222 -8.87 -22.21 -29.96
C ASP A 222 -10.20 -21.53 -30.30
N ARG A 223 -11.27 -21.91 -29.60
CA ARG A 223 -12.60 -21.34 -29.82
C ARG A 223 -12.71 -19.92 -29.28
N LEU A 224 -13.21 -19.02 -30.12
CA LEU A 224 -13.43 -17.63 -29.74
C LEU A 224 -14.70 -17.66 -28.91
N VAL A 225 -14.58 -17.23 -27.66
CA VAL A 225 -15.69 -17.26 -26.72
C VAL A 225 -16.45 -15.94 -26.60
N PHE A 226 -15.73 -14.83 -26.62
CA PHE A 226 -16.38 -13.54 -26.42
C PHE A 226 -15.52 -12.41 -26.96
N GLY A 227 -16.16 -11.32 -27.41
CA GLY A 227 -15.42 -10.17 -27.87
C GLY A 227 -15.29 -9.83 -29.34
N ALA A 228 -15.77 -10.69 -30.23
CA ALA A 228 -15.65 -10.44 -31.67
C ALA A 228 -16.77 -9.58 -32.28
N ILE A 229 -18.04 -9.87 -31.95
CA ILE A 229 -19.11 -9.06 -32.52
C ILE A 229 -19.11 -7.68 -31.87
N PRO A 230 -19.56 -6.66 -32.61
CA PRO A 230 -19.61 -5.28 -32.13
C PRO A 230 -20.14 -5.08 -30.71
N ALA A 231 -21.25 -5.71 -30.36
CA ALA A 231 -21.80 -5.55 -29.02
C ALA A 231 -20.86 -6.08 -27.93
N GLN A 232 -19.84 -6.85 -28.31
CA GLN A 232 -18.91 -7.38 -27.30
C GLN A 232 -17.53 -6.75 -27.31
N HIS A 233 -17.29 -5.79 -28.20
CA HIS A 233 -15.99 -5.10 -28.28
C HIS A 233 -15.67 -4.37 -26.97
N HIS A 234 -14.55 -4.73 -26.35
CA HIS A 234 -14.08 -4.11 -25.09
C HIS A 234 -12.57 -4.12 -25.13
N ARG A 235 -11.95 -3.20 -24.41
CA ARG A 235 -10.50 -3.13 -24.36
C ARG A 235 -9.89 -4.23 -23.47
N TYR A 236 -10.64 -4.63 -22.44
CA TYR A 236 -10.16 -5.68 -21.52
C TYR A 236 -11.24 -6.69 -21.19
N VAL A 237 -10.94 -7.97 -21.37
CA VAL A 237 -11.91 -9.02 -21.03
C VAL A 237 -11.22 -10.06 -20.17
N GLY A 238 -12.01 -10.70 -19.30
CA GLY A 238 -11.45 -11.72 -18.41
C GLY A 238 -12.46 -12.86 -18.32
N ALA A 239 -12.00 -14.05 -17.98
CA ALA A 239 -12.88 -15.20 -17.89
C ALA A 239 -12.48 -16.08 -16.70
N THR A 240 -13.47 -16.51 -15.92
CA THR A 240 -13.20 -17.36 -14.77
C THR A 240 -14.23 -18.47 -14.70
N VAL A 241 -13.76 -19.69 -14.44
CA VAL A 241 -14.66 -20.83 -14.31
C VAL A 241 -14.71 -21.12 -12.82
N THR A 242 -15.90 -21.33 -12.26
CA THR A 242 -16.02 -21.60 -10.83
C THR A 242 -15.35 -22.95 -10.49
N GLU A 243 -14.92 -23.07 -9.24
CA GLU A 243 -14.23 -24.28 -8.79
C GLU A 243 -14.98 -25.58 -9.08
N ASP A 244 -16.31 -25.54 -9.06
CA ASP A 244 -17.09 -26.74 -9.33
C ASP A 244 -17.33 -26.96 -10.83
N ASP A 245 -16.70 -26.14 -11.66
CA ASP A 245 -16.83 -26.22 -13.11
C ASP A 245 -18.24 -26.00 -13.66
N ARG A 246 -19.11 -25.39 -12.86
CA ARG A 246 -20.46 -25.17 -13.35
C ARG A 246 -20.68 -23.87 -14.13
N PHE A 247 -20.01 -22.79 -13.73
CA PHE A 247 -20.22 -21.51 -14.41
C PHE A 247 -19.00 -20.84 -15.00
N LEU A 248 -19.22 -20.17 -16.12
CA LEU A 248 -18.19 -19.38 -16.76
C LEU A 248 -18.62 -17.92 -16.56
N LEU A 249 -17.75 -17.10 -15.98
CA LEU A 249 -18.05 -15.67 -15.75
C LEU A 249 -17.10 -14.88 -16.62
N ILE A 250 -17.65 -14.00 -17.43
CA ILE A 250 -16.84 -13.19 -18.31
C ILE A 250 -16.99 -11.72 -17.95
N SER A 251 -15.87 -11.06 -17.66
CA SER A 251 -15.92 -9.64 -17.33
C SER A 251 -15.42 -8.89 -18.56
N ALA A 252 -15.93 -7.67 -18.76
CA ALA A 252 -15.55 -6.86 -19.91
C ALA A 252 -15.49 -5.40 -19.48
N ALA A 253 -14.39 -4.73 -19.78
CA ALA A 253 -14.20 -3.34 -19.37
C ALA A 253 -13.42 -2.55 -20.41
N ASN A 254 -13.57 -1.23 -20.35
CA ASN A 254 -12.87 -0.34 -21.27
C ASN A 254 -11.83 0.46 -20.50
N SER A 255 -11.96 0.46 -19.18
CA SER A 255 -11.00 1.18 -18.33
C SER A 255 -10.97 0.55 -16.95
N THR A 256 -10.26 1.19 -16.02
CA THR A 256 -10.13 0.68 -14.66
C THR A 256 -11.41 0.86 -13.85
N SER A 257 -12.32 1.69 -14.32
CA SER A 257 -13.55 1.90 -13.59
C SER A 257 -14.77 1.26 -14.25
N GLY A 258 -15.33 0.26 -13.57
CA GLY A 258 -16.50 -0.42 -14.06
C GLY A 258 -16.24 -1.56 -15.03
N ASN A 259 -17.11 -2.56 -14.98
CA ASN A 259 -17.00 -3.69 -15.88
C ASN A 259 -18.36 -4.32 -16.02
N ARG A 260 -18.62 -4.83 -17.22
CA ARG A 260 -19.84 -5.55 -17.45
C ARG A 260 -19.47 -6.97 -16.99
N LEU A 261 -20.47 -7.81 -16.74
CA LEU A 261 -20.20 -9.17 -16.32
C LEU A 261 -21.30 -10.05 -16.87
N TYR A 262 -20.91 -11.19 -17.43
CA TYR A 262 -21.84 -12.15 -18.03
C TYR A 262 -21.62 -13.52 -17.45
N VAL A 263 -22.67 -14.34 -17.42
CA VAL A 263 -22.54 -15.68 -16.89
C VAL A 263 -23.09 -16.72 -17.87
N LYS A 264 -22.40 -17.85 -17.97
CA LYS A 264 -22.85 -18.94 -18.84
C LYS A 264 -22.88 -20.22 -18.01
N ASP A 265 -24.01 -20.89 -18.01
CA ASP A 265 -24.16 -22.14 -17.27
C ASP A 265 -23.57 -23.28 -18.09
N LEU A 266 -22.39 -23.75 -17.69
CA LEU A 266 -21.72 -24.82 -18.42
C LEU A 266 -22.37 -26.20 -18.25
N SER A 267 -23.30 -26.32 -17.31
CA SER A 267 -23.96 -27.60 -17.10
C SER A 267 -25.09 -27.79 -18.11
N GLN A 268 -25.27 -26.81 -18.98
CA GLN A 268 -26.31 -26.86 -20.00
C GLN A 268 -25.68 -26.85 -21.39
N GLU A 269 -26.26 -27.60 -22.30
CA GLU A 269 -25.73 -27.65 -23.66
C GLU A 269 -25.98 -26.34 -24.40
N ASN A 270 -24.89 -25.72 -24.85
CA ASN A 270 -24.97 -24.46 -25.61
C ASN A 270 -25.80 -23.37 -24.94
N ALA A 271 -25.56 -23.13 -23.66
CA ALA A 271 -26.27 -22.10 -22.92
C ALA A 271 -25.85 -20.72 -23.41
N PRO A 272 -26.80 -19.78 -23.48
CA PRO A 272 -26.43 -18.44 -23.94
C PRO A 272 -25.82 -17.71 -22.76
N LEU A 273 -25.21 -16.56 -23.02
CA LEU A 273 -24.64 -15.75 -21.95
C LEU A 273 -25.78 -14.93 -21.37
N LEU A 274 -25.85 -14.86 -20.04
CA LEU A 274 -26.87 -14.03 -19.37
C LEU A 274 -26.11 -12.81 -18.81
N THR A 275 -26.77 -11.66 -18.78
CA THR A 275 -26.12 -10.44 -18.30
C THR A 275 -26.25 -10.25 -16.79
N VAL A 276 -25.11 -10.29 -16.08
CA VAL A 276 -25.09 -10.08 -14.63
C VAL A 276 -25.11 -8.56 -14.41
N GLN A 277 -24.32 -7.84 -15.21
CA GLN A 277 -24.31 -6.37 -15.18
C GLN A 277 -24.03 -5.93 -16.60
N GLY A 278 -24.97 -5.19 -17.19
CA GLY A 278 -24.82 -4.74 -18.56
C GLY A 278 -24.21 -3.38 -18.77
N ASP A 279 -23.84 -2.68 -17.70
CA ASP A 279 -23.25 -1.37 -17.87
C ASP A 279 -21.88 -1.30 -17.20
N LEU A 280 -21.19 -0.19 -17.37
CA LEU A 280 -19.86 -0.03 -16.81
C LEU A 280 -19.87 0.95 -15.64
N ASP A 281 -21.02 1.09 -14.98
CA ASP A 281 -21.12 2.04 -13.87
C ASP A 281 -20.61 1.57 -12.52
N ALA A 282 -20.18 0.32 -12.43
CA ALA A 282 -19.69 -0.17 -11.16
C ALA A 282 -18.84 -1.40 -11.38
N ASP A 283 -18.04 -1.71 -10.37
CA ASP A 283 -17.19 -2.90 -10.42
C ASP A 283 -17.97 -4.05 -9.81
N VAL A 284 -17.89 -5.22 -10.42
CA VAL A 284 -18.56 -6.39 -9.87
C VAL A 284 -17.73 -7.59 -10.28
N SER A 285 -17.48 -8.48 -9.34
CA SER A 285 -16.68 -9.67 -9.62
C SER A 285 -17.20 -10.88 -8.86
N LEU A 286 -16.89 -12.04 -9.41
CA LEU A 286 -17.32 -13.31 -8.85
C LEU A 286 -16.52 -13.72 -7.63
N VAL A 287 -17.23 -14.19 -6.60
CA VAL A 287 -16.56 -14.71 -5.41
C VAL A 287 -16.64 -16.26 -5.55
N ASP A 288 -17.84 -16.80 -5.77
CA ASP A 288 -18.03 -18.23 -5.91
C ASP A 288 -19.50 -18.50 -6.27
N ASN A 289 -19.87 -19.78 -6.38
CA ASN A 289 -21.26 -20.13 -6.60
C ASN A 289 -21.55 -21.28 -5.66
N LYS A 290 -22.82 -21.56 -5.43
CA LYS A 290 -23.24 -22.71 -4.63
C LYS A 290 -24.56 -23.05 -5.32
N GLY A 291 -24.63 -24.20 -5.98
CA GLY A 291 -25.84 -24.53 -6.71
C GLY A 291 -25.91 -23.50 -7.83
N SER A 292 -27.11 -22.99 -8.13
CA SER A 292 -27.23 -21.99 -9.18
C SER A 292 -27.11 -20.56 -8.63
N THR A 293 -26.75 -20.45 -7.36
CA THR A 293 -26.60 -19.14 -6.71
C THR A 293 -25.19 -18.55 -6.91
N LEU A 294 -25.14 -17.34 -7.43
CA LEU A 294 -23.86 -16.65 -7.64
C LEU A 294 -23.62 -15.72 -6.46
N TYR A 295 -22.37 -15.63 -6.04
CA TYR A 295 -21.95 -14.76 -4.93
C TYR A 295 -21.03 -13.72 -5.57
N LEU A 296 -21.41 -12.45 -5.46
CA LEU A 296 -20.67 -11.38 -6.11
C LEU A 296 -20.26 -10.24 -5.20
N LEU A 297 -19.05 -9.74 -5.42
CA LEU A 297 -18.55 -8.60 -4.65
C LEU A 297 -18.72 -7.42 -5.60
N THR A 298 -19.28 -6.32 -5.11
CA THR A 298 -19.51 -5.19 -5.99
C THR A 298 -19.52 -3.86 -5.25
N ASN A 299 -19.29 -2.77 -5.98
CA ASN A 299 -19.40 -1.46 -5.36
C ASN A 299 -20.61 -0.72 -5.99
N ARG A 300 -21.48 -1.47 -6.68
CA ARG A 300 -22.67 -0.87 -7.28
C ARG A 300 -23.54 -0.32 -6.16
N ASP A 301 -23.79 0.99 -6.19
CA ASP A 301 -24.56 1.69 -5.15
C ASP A 301 -23.95 1.45 -3.78
N ALA A 302 -22.65 1.14 -3.74
CA ALA A 302 -22.00 0.86 -2.45
C ALA A 302 -20.49 1.08 -2.58
N PRO A 303 -20.05 2.34 -2.41
CA PRO A 303 -18.62 2.63 -2.54
C PRO A 303 -17.70 1.78 -1.66
N ASN A 304 -18.17 1.35 -0.49
CA ASN A 304 -17.33 0.55 0.40
C ASN A 304 -17.45 -0.94 0.10
N ARG A 305 -18.25 -1.25 -0.93
CA ARG A 305 -18.50 -2.61 -1.41
C ARG A 305 -19.43 -3.43 -0.53
N ARG A 306 -20.08 -4.40 -1.16
CA ARG A 306 -21.02 -5.29 -0.49
C ARG A 306 -20.95 -6.63 -1.20
N LEU A 307 -21.30 -7.69 -0.49
CA LEU A 307 -21.32 -9.03 -1.07
C LEU A 307 -22.79 -9.36 -1.31
N VAL A 308 -23.15 -9.72 -2.55
CA VAL A 308 -24.55 -10.03 -2.88
C VAL A 308 -24.68 -11.42 -3.50
N THR A 309 -25.92 -11.94 -3.53
CA THR A 309 -26.15 -13.23 -4.15
C THR A 309 -27.29 -13.02 -5.14
N VAL A 310 -27.34 -13.86 -6.18
CA VAL A 310 -28.41 -13.78 -7.15
C VAL A 310 -28.43 -15.12 -7.86
N ASP A 311 -29.60 -15.53 -8.34
CA ASP A 311 -29.66 -16.79 -9.04
C ASP A 311 -29.12 -16.60 -10.45
N ALA A 312 -28.28 -17.54 -10.89
CA ALA A 312 -27.66 -17.45 -12.18
C ALA A 312 -28.62 -17.37 -13.36
N ALA A 313 -29.85 -17.87 -13.19
CA ALA A 313 -30.84 -17.85 -14.27
C ALA A 313 -31.50 -16.48 -14.52
N ASN A 314 -31.31 -15.52 -13.61
CA ASN A 314 -31.90 -14.18 -13.78
C ASN A 314 -31.02 -13.33 -12.86
N PRO A 315 -29.75 -13.14 -13.26
CA PRO A 315 -28.70 -12.41 -12.54
C PRO A 315 -28.56 -10.90 -12.57
N GLY A 316 -29.53 -10.18 -13.14
CA GLY A 316 -29.46 -8.72 -13.23
C GLY A 316 -29.38 -8.02 -11.89
N PRO A 317 -28.81 -6.81 -11.83
CA PRO A 317 -28.66 -6.04 -10.59
C PRO A 317 -29.92 -5.81 -9.76
N ALA A 318 -31.07 -5.73 -10.42
CA ALA A 318 -32.35 -5.53 -9.71
C ALA A 318 -32.66 -6.73 -8.82
N HIS A 319 -32.05 -7.87 -9.11
CA HIS A 319 -32.31 -9.07 -8.32
C HIS A 319 -31.23 -9.40 -7.29
N TRP A 320 -30.15 -8.65 -7.27
CA TRP A 320 -29.08 -8.91 -6.32
C TRP A 320 -29.60 -8.71 -4.90
N ARG A 321 -29.28 -9.66 -4.03
CA ARG A 321 -29.70 -9.62 -2.64
C ARG A 321 -28.45 -9.53 -1.75
N ASP A 322 -28.40 -8.53 -0.88
CA ASP A 322 -27.24 -8.36 0.00
C ASP A 322 -27.08 -9.55 0.95
N LEU A 323 -25.88 -10.13 0.97
CA LEU A 323 -25.57 -11.22 1.90
C LEU A 323 -24.78 -10.51 3.00
N ILE A 324 -23.84 -9.66 2.60
CA ILE A 324 -23.08 -8.85 3.56
C ILE A 324 -23.26 -7.42 3.08
N PRO A 325 -24.18 -6.67 3.72
CA PRO A 325 -24.44 -5.29 3.32
C PRO A 325 -23.21 -4.39 3.49
N GLU A 326 -23.19 -3.29 2.76
CA GLU A 326 -22.11 -2.32 2.82
C GLU A 326 -21.99 -1.75 4.25
N ARG A 327 -20.77 -1.45 4.67
CA ARG A 327 -20.53 -0.83 5.98
C ARG A 327 -19.66 0.41 5.73
N GLN A 328 -19.30 1.10 6.80
CA GLN A 328 -18.46 2.28 6.68
C GLN A 328 -17.06 1.87 6.18
N GLN A 329 -16.61 0.69 6.56
CA GLN A 329 -15.28 0.21 6.15
C GLN A 329 -15.35 -0.57 4.83
N VAL A 330 -14.29 -0.47 4.04
CA VAL A 330 -14.23 -1.16 2.76
C VAL A 330 -14.13 -2.68 2.97
N LEU A 331 -15.01 -3.41 2.30
CA LEU A 331 -15.06 -4.87 2.40
C LEU A 331 -14.18 -5.63 1.42
N THR A 332 -13.50 -6.66 1.92
CA THR A 332 -12.71 -7.53 1.07
C THR A 332 -13.23 -8.92 1.40
N VAL A 333 -13.56 -9.72 0.39
CA VAL A 333 -14.08 -11.05 0.65
C VAL A 333 -13.16 -12.18 0.17
N HIS A 334 -13.03 -13.19 1.03
CA HIS A 334 -12.23 -14.37 0.75
C HIS A 334 -13.14 -15.57 0.93
N SER A 335 -12.86 -16.66 0.21
CA SER A 335 -13.67 -17.86 0.36
C SER A 335 -12.73 -19.03 0.54
N GLY A 336 -13.14 -19.99 1.36
CA GLY A 336 -12.31 -21.16 1.57
C GLY A 336 -12.97 -22.13 2.52
N SER A 337 -12.75 -23.43 2.28
CA SER A 337 -13.30 -24.49 3.12
C SER A 337 -14.80 -24.45 3.32
N GLY A 338 -15.53 -23.89 2.35
CA GLY A 338 -16.98 -23.83 2.50
C GLY A 338 -17.49 -22.65 3.31
N TYR A 339 -16.64 -21.65 3.51
CA TYR A 339 -17.04 -20.45 4.25
C TYR A 339 -16.62 -19.19 3.50
N LEU A 340 -17.22 -18.06 3.87
CA LEU A 340 -16.91 -16.78 3.27
C LEU A 340 -16.32 -15.95 4.42
N PHE A 341 -15.28 -15.17 4.12
CA PHE A 341 -14.63 -14.35 5.14
C PHE A 341 -14.64 -12.90 4.75
N ALA A 342 -15.23 -12.06 5.60
CA ALA A 342 -15.29 -10.63 5.34
C ALA A 342 -14.14 -9.98 6.10
N GLU A 343 -13.26 -9.30 5.37
CA GLU A 343 -12.11 -8.63 5.98
C GLU A 343 -12.30 -7.11 5.92
N TYR A 344 -12.11 -6.44 7.06
CA TYR A 344 -12.24 -4.99 7.16
C TYR A 344 -11.06 -4.48 7.99
N MET A 345 -10.78 -3.19 7.86
CA MET A 345 -9.79 -2.54 8.69
C MET A 345 -10.69 -1.60 9.50
N VAL A 346 -10.75 -1.84 10.81
CA VAL A 346 -11.57 -1.05 11.75
C VAL A 346 -10.62 -0.30 12.68
N ASP A 347 -10.72 1.02 12.71
CA ASP A 347 -9.79 1.84 13.51
C ASP A 347 -8.40 1.49 12.98
N ALA A 348 -8.32 1.31 11.67
CA ALA A 348 -7.07 0.98 10.95
C ALA A 348 -6.42 -0.38 11.21
N THR A 349 -7.12 -1.33 11.83
CA THR A 349 -6.52 -2.65 12.03
C THR A 349 -7.51 -3.74 11.61
N ALA A 350 -6.97 -4.90 11.23
CA ALA A 350 -7.79 -5.98 10.71
C ALA A 350 -8.83 -6.63 11.60
N ARG A 351 -9.96 -6.94 10.97
CA ARG A 351 -11.08 -7.64 11.60
C ARG A 351 -11.52 -8.62 10.51
N VAL A 352 -11.76 -9.87 10.89
CA VAL A 352 -12.19 -10.85 9.93
C VAL A 352 -13.39 -11.57 10.51
N GLU A 353 -14.47 -11.64 9.75
CA GLU A 353 -15.69 -12.31 10.19
C GLU A 353 -15.92 -13.51 9.29
N GLN A 354 -16.31 -14.63 9.87
CA GLN A 354 -16.55 -15.85 9.11
C GLN A 354 -18.05 -16.08 8.95
N PHE A 355 -18.48 -16.27 7.70
CA PHE A 355 -19.90 -16.50 7.38
C PHE A 355 -20.07 -17.81 6.63
N ASP A 356 -21.25 -18.44 6.70
CA ASP A 356 -21.44 -19.63 5.88
C ASP A 356 -22.12 -19.12 4.61
N TYR A 357 -22.30 -19.97 3.60
CA TYR A 357 -22.89 -19.55 2.33
C TYR A 357 -24.36 -19.15 2.41
N GLU A 358 -24.97 -19.37 3.56
CA GLU A 358 -26.38 -18.99 3.75
C GLU A 358 -26.47 -17.63 4.42
N GLY A 359 -25.32 -17.04 4.71
CA GLY A 359 -25.33 -15.71 5.32
C GLY A 359 -25.30 -15.67 6.84
N LYS A 360 -25.18 -16.82 7.49
CA LYS A 360 -25.11 -16.82 8.93
C LYS A 360 -23.69 -16.47 9.36
N ARG A 361 -23.57 -15.56 10.34
CA ARG A 361 -22.27 -15.16 10.84
C ARG A 361 -21.81 -16.21 11.84
N VAL A 362 -20.80 -16.98 11.47
CA VAL A 362 -20.29 -18.04 12.32
C VAL A 362 -19.50 -17.53 13.52
N ARG A 363 -18.59 -16.60 13.28
CA ARG A 363 -17.78 -16.05 14.35
C ARG A 363 -16.95 -14.90 13.83
N GLU A 364 -16.41 -14.15 14.78
CA GLU A 364 -15.49 -13.07 14.48
C GLU A 364 -14.19 -13.85 14.71
N VAL A 365 -13.31 -13.89 13.72
CA VAL A 365 -12.04 -14.61 13.84
C VAL A 365 -11.13 -13.94 14.86
N ALA A 366 -10.60 -14.71 15.80
CA ALA A 366 -9.73 -14.15 16.83
C ALA A 366 -8.31 -14.01 16.30
N LEU A 367 -8.02 -12.88 15.64
CA LEU A 367 -6.71 -12.64 15.07
C LEU A 367 -5.69 -12.48 16.21
N PRO A 368 -4.41 -12.80 15.96
CA PRO A 368 -3.27 -12.74 16.88
C PRO A 368 -3.02 -11.41 17.55
N GLY A 369 -3.71 -10.37 17.10
CA GLY A 369 -3.53 -9.05 17.69
C GLY A 369 -4.08 -8.02 16.72
N LEU A 370 -3.64 -6.78 16.83
CA LEU A 370 -4.10 -5.72 15.94
C LEU A 370 -3.05 -5.46 14.88
N GLY A 371 -3.38 -5.74 13.62
CA GLY A 371 -2.43 -5.53 12.55
C GLY A 371 -3.06 -5.60 11.17
N SER A 372 -2.30 -6.10 10.21
CA SER A 372 -2.79 -6.25 8.84
C SER A 372 -2.72 -7.74 8.51
N VAL A 373 -3.72 -8.23 7.80
CA VAL A 373 -3.74 -9.65 7.45
C VAL A 373 -3.87 -9.85 5.95
N SER A 374 -3.70 -11.10 5.53
CA SER A 374 -3.84 -11.49 4.14
C SER A 374 -4.15 -12.98 4.19
N GLY A 375 -4.82 -13.51 3.17
CA GLY A 375 -5.11 -14.93 3.18
C GLY A 375 -6.57 -15.31 3.36
N PHE A 376 -6.79 -16.45 4.01
CA PHE A 376 -8.13 -17.00 4.21
C PHE A 376 -8.68 -17.44 2.85
N ASN A 377 -7.79 -17.65 1.88
CA ASN A 377 -8.18 -18.09 0.53
C ASN A 377 -7.91 -19.60 0.41
N GLY A 378 -8.91 -20.37 0.00
CA GLY A 378 -8.71 -21.81 -0.15
C GLY A 378 -9.79 -22.47 -0.99
N LYS A 379 -9.63 -23.77 -1.24
CA LYS A 379 -10.60 -24.52 -2.04
C LYS A 379 -11.75 -24.98 -1.14
N HIS A 380 -12.84 -25.43 -1.77
CA HIS A 380 -14.02 -25.89 -1.04
C HIS A 380 -13.71 -26.95 0.00
N ASP A 381 -12.79 -27.86 -0.33
CA ASP A 381 -12.46 -28.95 0.59
C ASP A 381 -11.15 -28.86 1.37
N ASP A 382 -10.54 -27.67 1.43
CA ASP A 382 -9.30 -27.52 2.19
C ASP A 382 -9.66 -27.74 3.65
N PRO A 383 -8.95 -28.63 4.35
CA PRO A 383 -9.27 -28.85 5.76
C PRO A 383 -8.93 -27.67 6.67
N ALA A 384 -8.00 -26.81 6.23
CA ALA A 384 -7.61 -25.64 7.00
C ALA A 384 -7.23 -24.51 6.05
N LEU A 385 -7.22 -23.29 6.56
CA LEU A 385 -6.86 -22.13 5.76
C LEU A 385 -5.66 -21.46 6.41
N TYR A 386 -4.95 -20.66 5.63
CA TYR A 386 -3.77 -19.96 6.15
C TYR A 386 -3.92 -18.47 5.99
N PHE A 387 -3.34 -17.73 6.92
CA PHE A 387 -3.36 -16.29 6.81
C PHE A 387 -2.07 -15.69 7.32
N GLY A 388 -1.70 -14.56 6.73
CA GLY A 388 -0.51 -13.85 7.14
C GLY A 388 -0.95 -12.72 8.05
N PHE A 389 -0.10 -12.38 9.02
CA PHE A 389 -0.39 -11.32 9.98
C PHE A 389 0.91 -10.56 10.25
N GLU A 390 0.81 -9.24 10.40
CA GLU A 390 1.98 -8.42 10.68
C GLU A 390 1.54 -7.08 11.23
N ASN A 391 2.45 -6.39 11.91
CA ASN A 391 2.17 -5.05 12.39
C ASN A 391 3.49 -4.34 12.63
N TYR A 392 3.47 -3.18 13.26
CA TYR A 392 4.72 -2.45 13.45
C TYR A 392 5.77 -3.19 14.27
N ALA A 393 5.32 -4.06 15.16
CA ALA A 393 6.22 -4.80 16.03
C ALA A 393 6.25 -6.29 15.76
N GLN A 394 5.74 -6.72 14.61
CA GLN A 394 5.74 -8.15 14.30
C GLN A 394 5.91 -8.39 12.82
N PRO A 395 6.98 -9.12 12.46
CA PRO A 395 7.29 -9.45 11.06
C PRO A 395 6.19 -10.36 10.51
N PRO A 396 6.02 -10.36 9.19
CA PRO A 396 4.98 -11.21 8.57
C PRO A 396 5.10 -12.64 9.10
N THR A 397 4.02 -13.11 9.68
CA THR A 397 3.95 -14.43 10.27
C THR A 397 2.79 -15.20 9.67
N LEU A 398 2.98 -16.50 9.44
CA LEU A 398 1.93 -17.33 8.89
C LEU A 398 1.25 -18.15 9.97
N TYR A 399 -0.08 -18.13 9.95
CA TYR A 399 -0.90 -18.86 10.91
C TYR A 399 -1.83 -19.82 10.20
N ARG A 400 -2.16 -20.91 10.87
CA ARG A 400 -3.10 -21.91 10.36
C ARG A 400 -4.41 -21.62 11.06
N PHE A 401 -5.52 -21.68 10.34
CA PHE A 401 -6.86 -21.41 10.87
C PHE A 401 -7.74 -22.64 10.64
N GLU A 402 -8.38 -23.16 11.68
CA GLU A 402 -9.27 -24.32 11.54
C GLU A 402 -10.67 -23.74 11.41
N PRO A 403 -11.26 -23.80 10.20
CA PRO A 403 -12.60 -23.26 9.93
C PRO A 403 -13.75 -23.72 10.81
N LYS A 404 -13.76 -24.99 11.17
CA LYS A 404 -14.85 -25.50 12.01
C LYS A 404 -14.82 -24.99 13.44
N SER A 405 -13.63 -25.02 14.04
CA SER A 405 -13.47 -24.61 15.43
C SER A 405 -13.00 -23.17 15.61
N GLY A 406 -12.46 -22.57 14.57
CA GLY A 406 -11.98 -21.21 14.70
C GLY A 406 -10.61 -21.19 15.36
N ALA A 407 -10.05 -22.37 15.62
CA ALA A 407 -8.74 -22.45 16.25
C ALA A 407 -7.64 -21.94 15.33
N ILE A 408 -6.70 -21.21 15.93
CA ILE A 408 -5.58 -20.62 15.23
C ILE A 408 -4.27 -21.11 15.84
N SER A 409 -3.28 -21.37 15.01
CA SER A 409 -1.97 -21.81 15.48
C SER A 409 -0.87 -21.26 14.58
N LEU A 410 0.34 -21.10 15.13
CA LEU A 410 1.45 -20.59 14.35
C LEU A 410 1.87 -21.65 13.33
N TYR A 411 2.01 -21.27 12.06
CA TYR A 411 2.44 -22.21 11.04
C TYR A 411 3.92 -21.95 10.74
N ARG A 412 4.29 -20.68 10.51
CA ARG A 412 5.68 -20.32 10.25
C ARG A 412 6.01 -18.97 10.86
N ALA A 413 7.02 -18.94 11.72
CA ALA A 413 7.46 -17.70 12.33
C ALA A 413 8.32 -17.03 11.27
N SER A 414 8.46 -15.72 11.36
CA SER A 414 9.26 -14.96 10.42
C SER A 414 10.74 -15.29 10.59
N ALA A 415 11.51 -15.18 9.51
CA ALA A 415 12.94 -15.42 9.57
C ALA A 415 13.65 -14.11 9.91
N ALA A 416 12.90 -13.01 9.90
CA ALA A 416 13.48 -11.71 10.22
C ALA A 416 14.06 -11.79 11.63
N PRO A 417 15.23 -11.16 11.85
CA PRO A 417 15.90 -11.15 13.15
C PRO A 417 15.25 -10.32 14.25
N PHE A 418 13.94 -10.47 14.40
CA PHE A 418 13.19 -9.72 15.40
C PHE A 418 12.12 -10.65 16.01
N LYS A 419 12.23 -10.90 17.31
CA LYS A 419 11.29 -11.75 18.01
C LYS A 419 10.08 -10.95 18.46
N PRO A 420 8.88 -11.30 17.97
CA PRO A 420 7.65 -10.59 18.33
C PRO A 420 7.41 -10.40 19.83
N GLU A 421 7.83 -11.35 20.65
CA GLU A 421 7.61 -11.26 22.10
C GLU A 421 8.44 -10.18 22.78
N ASP A 422 9.43 -9.64 22.08
CA ASP A 422 10.27 -8.60 22.64
C ASP A 422 9.65 -7.23 22.45
N TYR A 423 8.56 -7.16 21.69
CA TYR A 423 7.94 -5.87 21.41
C TYR A 423 6.50 -5.79 21.80
N VAL A 424 6.04 -4.55 21.92
CA VAL A 424 4.68 -4.24 22.30
C VAL A 424 4.12 -3.24 21.30
N SER A 425 2.83 -3.39 21.01
CA SER A 425 2.10 -2.51 20.12
C SER A 425 0.78 -2.28 20.82
N GLU A 426 0.37 -1.04 21.01
CA GLU A 426 -0.89 -0.80 21.66
C GLU A 426 -1.64 0.28 20.92
N GLN A 427 -2.97 0.25 20.97
CA GLN A 427 -3.75 1.28 20.31
C GLN A 427 -4.40 2.12 21.39
N ARG A 428 -4.32 3.43 21.21
CA ARG A 428 -4.90 4.38 22.15
C ARG A 428 -5.75 5.31 21.31
N PHE A 429 -6.59 6.07 21.99
CA PHE A 429 -7.46 7.04 21.33
C PHE A 429 -7.32 8.33 22.15
N TYR A 430 -7.03 9.44 21.47
CA TYR A 430 -6.88 10.71 22.16
C TYR A 430 -7.88 11.69 21.58
N GLN A 431 -8.02 12.84 22.22
CA GLN A 431 -8.97 13.83 21.75
C GLN A 431 -8.28 14.99 21.08
N SER A 432 -8.74 15.35 19.89
CA SER A 432 -8.18 16.49 19.19
C SER A 432 -8.76 17.76 19.82
N LYS A 433 -8.23 18.91 19.43
CA LYS A 433 -8.66 20.20 19.94
C LYS A 433 -10.19 20.36 19.97
N ASP A 434 -10.87 19.98 18.90
CA ASP A 434 -12.32 20.12 18.83
C ASP A 434 -13.13 18.97 19.45
N GLY A 435 -12.46 18.07 20.18
CA GLY A 435 -13.17 16.97 20.79
C GLY A 435 -13.13 15.65 20.03
N THR A 436 -12.74 15.70 18.76
CA THR A 436 -12.68 14.49 17.95
C THR A 436 -11.73 13.46 18.55
N ARG A 437 -12.18 12.22 18.59
CA ARG A 437 -11.39 11.09 19.12
C ARG A 437 -10.59 10.56 17.94
N VAL A 438 -9.29 10.39 18.14
CA VAL A 438 -8.39 9.96 17.06
C VAL A 438 -7.57 8.74 17.48
N PRO A 439 -7.42 7.74 16.59
CA PRO A 439 -6.65 6.52 16.89
C PRO A 439 -5.13 6.79 16.82
N LEU A 440 -4.38 6.11 17.68
CA LEU A 440 -2.94 6.26 17.72
C LEU A 440 -2.33 4.89 18.04
N ILE A 441 -1.46 4.39 17.18
CA ILE A 441 -0.84 3.09 17.47
C ILE A 441 0.60 3.36 17.90
N ILE A 442 0.97 2.81 19.06
CA ILE A 442 2.29 3.04 19.62
C ILE A 442 3.04 1.73 19.79
N SER A 443 4.28 1.68 19.33
CA SER A 443 5.08 0.46 19.44
C SER A 443 6.44 0.72 20.05
N TYR A 444 6.93 -0.28 20.77
CA TYR A 444 8.22 -0.18 21.44
C TYR A 444 8.69 -1.52 21.99
N ARG A 445 9.95 -1.54 22.43
CA ARG A 445 10.56 -2.72 23.05
C ARG A 445 9.92 -2.91 24.42
N LYS A 446 9.59 -4.15 24.78
CA LYS A 446 9.01 -4.40 26.11
C LYS A 446 9.98 -3.90 27.16
N GLY A 447 9.44 -3.52 28.32
CA GLY A 447 10.29 -3.02 29.38
C GLY A 447 10.39 -1.51 29.39
N LEU A 448 9.63 -0.86 28.52
CA LEU A 448 9.65 0.59 28.44
C LEU A 448 8.95 1.16 29.66
N LYS A 449 9.47 2.27 30.16
CA LYS A 449 8.87 2.93 31.30
C LYS A 449 8.23 4.24 30.85
N LEU A 450 7.09 4.58 31.44
CA LEU A 450 6.41 5.81 31.08
C LEU A 450 6.93 6.96 31.94
N ASP A 451 8.24 7.18 31.86
CA ASP A 451 8.87 8.25 32.63
C ASP A 451 9.15 9.48 31.76
N GLY A 452 8.48 9.57 30.61
CA GLY A 452 8.65 10.70 29.71
C GLY A 452 10.00 10.86 29.03
N SER A 453 10.85 9.85 29.10
CA SER A 453 12.19 9.97 28.53
C SER A 453 12.47 9.26 27.22
N ASN A 454 11.52 8.48 26.72
CA ASN A 454 11.75 7.71 25.51
C ASN A 454 11.83 8.46 24.19
N PRO A 455 12.93 8.26 23.43
CA PRO A 455 13.10 8.93 22.13
C PRO A 455 11.99 8.37 21.24
N THR A 456 11.18 9.27 20.72
CA THR A 456 10.01 8.89 19.95
C THR A 456 9.85 9.53 18.58
N ILE A 457 9.39 8.76 17.62
CA ILE A 457 9.12 9.30 16.29
C ILE A 457 7.60 9.17 16.12
N LEU A 458 6.95 10.31 15.89
CA LEU A 458 5.52 10.36 15.66
C LEU A 458 5.35 10.57 14.15
N TYR A 459 4.62 9.65 13.52
CA TYR A 459 4.38 9.64 12.09
C TYR A 459 2.91 9.82 11.73
N GLY A 460 2.66 10.55 10.66
CA GLY A 460 1.28 10.78 10.20
C GLY A 460 1.23 11.13 8.73
N TYR A 461 0.02 11.17 8.17
CA TYR A 461 -0.17 11.53 6.76
C TYR A 461 -1.34 12.52 6.79
N GLY A 462 -2.56 12.01 6.89
CA GLY A 462 -3.70 12.90 7.00
C GLY A 462 -4.26 13.48 5.71
N GLY A 463 -4.78 12.63 4.83
CA GLY A 463 -5.34 13.15 3.60
C GLY A 463 -5.57 12.10 2.53
N PHE A 464 -6.25 12.52 1.46
CA PHE A 464 -6.52 11.67 0.31
C PHE A 464 -7.21 10.34 0.56
N ASP A 465 -7.94 10.23 1.66
CA ASP A 465 -8.65 8.99 1.99
C ASP A 465 -7.67 7.82 2.15
N VAL A 466 -6.41 8.13 2.45
CA VAL A 466 -5.39 7.12 2.66
C VAL A 466 -5.41 6.69 4.15
N SER A 467 -5.52 5.39 4.39
CA SER A 467 -5.50 4.88 5.77
C SER A 467 -4.09 4.45 6.13
N LEU A 468 -3.63 4.79 7.32
CA LEU A 468 -2.30 4.34 7.76
C LEU A 468 -2.55 3.06 8.56
N THR A 469 -2.26 1.91 7.95
CA THR A 469 -2.48 0.62 8.57
C THR A 469 -1.15 -0.02 8.98
N PRO A 470 -1.15 -0.83 10.06
CA PRO A 470 0.11 -1.45 10.50
C PRO A 470 0.81 -2.33 9.48
N SER A 471 2.13 -2.18 9.40
CA SER A 471 2.94 -3.00 8.50
C SER A 471 4.35 -3.06 9.06
N PHE A 472 4.97 -4.23 8.97
CA PHE A 472 6.32 -4.39 9.49
C PHE A 472 7.37 -3.83 8.56
N SER A 473 8.34 -3.12 9.14
CA SER A 473 9.44 -2.60 8.36
C SER A 473 10.68 -2.82 9.22
N VAL A 474 11.75 -3.28 8.58
CA VAL A 474 13.00 -3.55 9.27
C VAL A 474 13.55 -2.25 9.87
N SER A 475 13.44 -1.18 9.10
CA SER A 475 13.91 0.13 9.55
C SER A 475 13.22 0.52 10.87
N VAL A 476 11.90 0.41 10.94
CA VAL A 476 11.21 0.77 12.20
C VAL A 476 11.61 -0.17 13.32
N ALA A 477 11.76 -1.45 12.99
CA ALA A 477 12.16 -2.43 14.00
C ALA A 477 13.53 -2.08 14.58
N ASN A 478 14.44 -1.58 13.75
CA ASN A 478 15.76 -1.19 14.25
C ASN A 478 15.60 -0.01 15.21
N TRP A 479 14.66 0.91 14.91
CA TRP A 479 14.42 2.07 15.78
C TRP A 479 13.96 1.57 17.14
N LEU A 480 13.05 0.60 17.17
CA LEU A 480 12.57 0.06 18.44
C LEU A 480 13.73 -0.59 19.22
N ASP A 481 14.61 -1.29 18.52
CA ASP A 481 15.75 -1.95 19.19
C ASP A 481 16.75 -0.97 19.78
N LEU A 482 16.80 0.24 19.24
CA LEU A 482 17.71 1.29 19.75
C LEU A 482 17.08 1.88 21.00
N GLY A 483 15.86 1.47 21.30
CA GLY A 483 15.16 1.98 22.47
C GLY A 483 14.13 3.04 22.11
N GLY A 484 13.84 3.17 20.81
CA GLY A 484 12.88 4.17 20.37
C GLY A 484 11.41 3.76 20.41
N VAL A 485 10.53 4.75 20.38
CA VAL A 485 9.10 4.50 20.37
C VAL A 485 8.64 4.93 18.97
N TYR A 486 7.75 4.16 18.36
CA TYR A 486 7.23 4.56 17.05
C TYR A 486 5.73 4.70 17.19
N ALA A 487 5.21 5.89 16.90
CA ALA A 487 3.78 6.14 17.03
C ALA A 487 3.22 6.66 15.71
N VAL A 488 2.09 6.09 15.31
CA VAL A 488 1.42 6.45 14.08
C VAL A 488 0.00 6.92 14.38
N ALA A 489 -0.31 8.15 13.98
CA ALA A 489 -1.63 8.70 14.24
C ALA A 489 -2.50 8.58 13.01
N ASN A 490 -3.76 8.20 13.21
CA ASN A 490 -4.72 8.08 12.10
C ASN A 490 -5.55 9.34 12.05
N LEU A 491 -4.94 10.39 11.50
CA LEU A 491 -5.55 11.71 11.40
C LEU A 491 -6.74 11.82 10.45
N ARG A 492 -7.53 12.86 10.63
CA ARG A 492 -8.65 13.12 9.73
C ARG A 492 -8.05 13.40 8.36
N GLY A 493 -8.87 13.27 7.32
CA GLY A 493 -8.38 13.43 5.96
C GLY A 493 -8.05 12.05 5.43
N GLY A 494 -7.88 11.09 6.36
CA GLY A 494 -7.53 9.72 5.97
C GLY A 494 -8.72 8.84 5.64
N GLY A 495 -8.45 7.57 5.32
CA GLY A 495 -9.53 6.64 4.98
C GLY A 495 -9.89 5.65 6.06
N GLU A 496 -9.63 5.99 7.33
CA GLU A 496 -9.92 5.07 8.42
C GLU A 496 -11.41 4.90 8.76
N TYR A 497 -12.23 5.84 8.32
CA TYR A 497 -13.67 5.73 8.59
C TYR A 497 -14.45 5.93 7.29
N GLY A 498 -15.29 6.95 7.21
CA GLY A 498 -16.06 7.17 5.98
C GLY A 498 -15.68 8.45 5.28
N GLN A 499 -16.56 8.92 4.40
CA GLN A 499 -16.28 10.15 3.65
C GLN A 499 -16.19 11.40 4.53
N ALA A 500 -17.01 11.47 5.58
CA ALA A 500 -16.96 12.63 6.45
C ALA A 500 -15.57 12.80 7.09
N TRP A 501 -14.97 11.69 7.51
CA TRP A 501 -13.63 11.72 8.12
C TRP A 501 -12.60 12.24 7.12
N HIS A 502 -12.69 11.79 5.87
CA HIS A 502 -11.78 12.26 4.82
C HIS A 502 -12.00 13.76 4.58
N LEU A 503 -13.23 14.14 4.26
CA LEU A 503 -13.61 15.53 3.98
C LEU A 503 -13.27 16.51 5.10
N ALA A 504 -13.32 16.04 6.34
CA ALA A 504 -13.01 16.89 7.48
C ALA A 504 -11.53 17.30 7.48
N GLY A 505 -10.76 16.76 6.54
CA GLY A 505 -9.35 17.11 6.45
C GLY A 505 -8.98 17.68 5.09
N THR A 506 -9.97 18.21 4.37
CA THR A 506 -9.73 18.74 3.02
C THR A 506 -10.03 20.21 2.90
N GLN A 507 -9.45 20.81 1.86
CA GLN A 507 -9.62 22.22 1.54
C GLN A 507 -9.63 23.17 2.74
N GLN A 508 -10.77 23.78 3.04
CA GLN A 508 -10.82 24.72 4.13
C GLN A 508 -11.02 24.12 5.52
N ASN A 509 -10.77 22.81 5.61
CA ASN A 509 -10.83 22.07 6.87
C ASN A 509 -9.44 21.43 7.11
N LYS A 510 -8.47 21.72 6.24
CA LYS A 510 -7.15 21.12 6.34
C LYS A 510 -6.50 21.30 7.71
N GLN A 511 -6.74 22.44 8.35
CA GLN A 511 -6.16 22.71 9.67
C GLN A 511 -6.48 21.61 10.69
N ASN A 512 -7.63 20.96 10.53
CA ASN A 512 -8.03 19.88 11.44
C ASN A 512 -6.96 18.78 11.48
N VAL A 513 -6.37 18.51 10.32
CA VAL A 513 -5.35 17.46 10.24
C VAL A 513 -4.16 17.82 11.11
N PHE A 514 -3.73 19.06 10.99
CA PHE A 514 -2.59 19.54 11.76
C PHE A 514 -2.92 19.56 13.25
N ASP A 515 -4.14 19.96 13.60
CA ASP A 515 -4.55 19.99 15.01
C ASP A 515 -4.57 18.57 15.55
N ASP A 516 -5.05 17.62 14.74
CA ASP A 516 -5.08 16.22 15.18
C ASP A 516 -3.67 15.73 15.50
N PHE A 517 -2.70 16.11 14.65
CA PHE A 517 -1.31 15.68 14.84
C PHE A 517 -0.70 16.32 16.09
N ILE A 518 -0.95 17.61 16.28
CA ILE A 518 -0.41 18.31 17.44
C ILE A 518 -0.94 17.65 18.70
N ALA A 519 -2.23 17.29 18.68
CA ALA A 519 -2.83 16.65 19.83
C ALA A 519 -2.23 15.27 20.10
N ALA A 520 -1.75 14.59 19.05
CA ALA A 520 -1.12 13.28 19.26
C ALA A 520 0.22 13.51 19.98
N ALA A 521 0.95 14.53 19.57
CA ALA A 521 2.23 14.83 20.20
C ALA A 521 2.02 15.17 21.69
N GLU A 522 0.99 15.97 21.98
CA GLU A 522 0.70 16.35 23.36
C GLU A 522 0.30 15.13 24.19
N TYR A 523 -0.47 14.23 23.58
CA TYR A 523 -0.92 13.02 24.26
C TYR A 523 0.27 12.14 24.66
N LEU A 524 1.22 11.96 23.74
CA LEU A 524 2.40 11.12 24.00
C LEU A 524 3.21 11.68 25.17
N LYS A 525 3.23 13.00 25.30
CA LYS A 525 3.96 13.60 26.41
C LYS A 525 3.15 13.46 27.69
N ALA A 526 1.89 13.87 27.63
CA ALA A 526 1.02 13.78 28.81
C ALA A 526 0.99 12.37 29.39
N GLU A 527 0.98 11.35 28.53
CA GLU A 527 0.93 9.96 28.96
C GLU A 527 2.27 9.37 29.41
N GLY A 528 3.33 10.16 29.36
CA GLY A 528 4.63 9.67 29.82
C GLY A 528 5.51 8.88 28.86
N TYR A 529 5.12 8.78 27.60
CA TYR A 529 5.94 8.04 26.65
C TYR A 529 7.20 8.84 26.32
N THR A 530 7.05 10.14 26.18
CA THR A 530 8.18 10.95 25.76
C THR A 530 8.01 12.37 26.30
N ARG A 531 8.86 13.28 25.83
CA ARG A 531 8.77 14.67 26.23
C ARG A 531 9.29 15.46 25.04
N THR A 532 9.11 16.78 25.10
CA THR A 532 9.51 17.66 24.00
C THR A 532 10.90 17.42 23.40
N ASP A 533 11.95 17.38 24.23
CA ASP A 533 13.30 17.17 23.70
C ASP A 533 13.62 15.72 23.31
N ARG A 534 12.65 14.83 23.43
CA ARG A 534 12.83 13.43 23.04
C ARG A 534 11.85 13.05 21.91
N LEU A 535 11.18 14.06 21.34
CA LEU A 535 10.21 13.83 20.28
C LEU A 535 10.63 14.33 18.89
N ALA A 536 10.38 13.49 17.89
CA ALA A 536 10.65 13.82 16.48
C ALA A 536 9.34 13.58 15.71
N ILE A 537 9.05 14.39 14.71
CA ILE A 537 7.85 14.11 13.91
C ILE A 537 8.31 13.81 12.49
N ARG A 538 7.55 12.97 11.80
CA ARG A 538 7.95 12.56 10.47
C ARG A 538 6.75 12.30 9.58
N GLY A 539 6.96 12.47 8.27
CA GLY A 539 5.92 12.23 7.29
C GLY A 539 6.44 12.47 5.87
N GLY A 540 5.81 11.84 4.87
CA GLY A 540 6.23 12.03 3.48
C GLY A 540 5.09 12.48 2.55
N SER A 541 5.40 13.36 1.58
CA SER A 541 4.44 13.92 0.60
C SER A 541 3.36 14.78 1.26
N ASN A 542 2.13 14.28 1.33
CA ASN A 542 1.09 15.01 2.06
C ASN A 542 1.57 14.97 3.52
N GLY A 543 2.30 13.91 3.87
CA GLY A 543 2.85 13.77 5.22
C GLY A 543 3.97 14.77 5.44
N GLY A 544 4.66 15.16 4.36
CA GLY A 544 5.73 16.14 4.46
C GLY A 544 5.10 17.49 4.72
N LEU A 545 3.97 17.73 4.07
CA LEU A 545 3.22 18.96 4.28
C LEU A 545 2.81 18.99 5.76
N LEU A 546 2.35 17.85 6.27
CA LEU A 546 1.94 17.74 7.66
C LEU A 546 3.09 18.24 8.57
N VAL A 547 4.29 17.71 8.38
CA VAL A 547 5.44 18.11 9.19
C VAL A 547 5.78 19.59 8.99
N GLY A 548 5.82 20.04 7.74
CA GLY A 548 6.13 21.44 7.48
C GLY A 548 5.13 22.38 8.13
N ALA A 549 3.87 22.00 8.12
CA ALA A 549 2.82 22.82 8.71
C ALA A 549 2.91 22.84 10.23
N VAL A 550 3.07 21.67 10.85
CA VAL A 550 3.14 21.59 12.30
C VAL A 550 4.40 22.27 12.82
N MET A 551 5.54 22.08 12.16
CA MET A 551 6.78 22.71 12.63
C MET A 551 6.78 24.24 12.47
N THR A 552 5.93 24.79 11.59
CA THR A 552 5.88 26.24 11.45
C THR A 552 4.86 26.82 12.40
N GLN A 553 3.83 26.04 12.75
CA GLN A 553 2.82 26.52 13.70
C GLN A 553 3.26 26.27 15.16
N ARG A 554 3.91 25.14 15.40
CA ARG A 554 4.37 24.80 16.75
C ARG A 554 5.83 24.32 16.72
N PRO A 555 6.77 25.21 16.38
CA PRO A 555 8.19 24.81 16.33
C PRO A 555 8.76 24.34 17.66
N ASP A 556 8.05 24.63 18.76
CA ASP A 556 8.48 24.26 20.11
C ASP A 556 7.92 22.90 20.59
N LEU A 557 7.04 22.31 19.80
CA LEU A 557 6.40 21.03 20.15
C LEU A 557 7.32 19.81 20.09
N MET A 558 8.29 19.86 19.18
CA MET A 558 9.21 18.75 18.96
C MET A 558 10.66 19.17 18.88
N ARG A 559 11.56 18.22 19.10
CA ARG A 559 12.99 18.49 19.03
C ARG A 559 13.52 18.33 17.60
N VAL A 560 12.92 17.40 16.85
CA VAL A 560 13.36 17.07 15.48
C VAL A 560 12.17 17.01 14.52
N ALA A 561 12.34 17.55 13.30
CA ALA A 561 11.29 17.52 12.28
C ALA A 561 11.87 16.84 11.05
N LEU A 562 11.15 15.87 10.49
CA LEU A 562 11.65 15.13 9.33
C LEU A 562 10.67 15.12 8.16
N PRO A 563 10.59 16.23 7.41
CA PRO A 563 9.67 16.30 6.26
C PRO A 563 10.30 15.68 5.02
N ALA A 564 9.70 14.59 4.53
CA ALA A 564 10.21 13.90 3.34
C ALA A 564 9.35 14.18 2.10
N VAL A 565 10.01 14.52 0.99
CA VAL A 565 9.33 14.76 -0.28
C VAL A 565 8.03 15.52 -0.08
N GLY A 566 8.08 16.61 0.69
CA GLY A 566 6.85 17.33 0.97
C GLY A 566 6.30 18.35 -0.01
N VAL A 567 5.00 18.59 0.10
CA VAL A 567 4.31 19.61 -0.68
C VAL A 567 4.39 20.73 0.36
N LEU A 568 5.24 21.72 0.10
CA LEU A 568 5.45 22.81 1.07
C LEU A 568 5.09 24.20 0.60
N ASP A 569 5.01 24.42 -0.71
CA ASP A 569 4.60 25.72 -1.25
C ASP A 569 3.14 25.46 -1.66
N MET A 570 2.20 25.81 -0.80
CA MET A 570 0.80 25.54 -1.11
C MET A 570 0.16 26.55 -2.06
N LEU A 571 0.89 27.60 -2.39
CA LEU A 571 0.39 28.64 -3.29
C LEU A 571 0.68 28.34 -4.75
N ARG A 572 1.72 27.54 -4.99
CA ARG A 572 2.10 27.21 -6.36
C ARG A 572 2.20 25.71 -6.66
N TYR A 573 1.79 24.87 -5.70
CA TYR A 573 1.87 23.43 -5.90
C TYR A 573 1.10 22.98 -7.15
N HIS A 574 -0.07 23.57 -7.39
CA HIS A 574 -0.90 23.18 -8.53
C HIS A 574 -0.31 23.53 -9.91
N THR A 575 0.60 24.49 -9.94
CA THR A 575 1.21 24.89 -11.20
C THR A 575 2.33 23.95 -11.59
N PHE A 576 2.75 23.09 -10.66
CA PHE A 576 3.82 22.16 -10.95
C PHE A 576 3.32 20.86 -11.55
N THR A 577 4.27 20.02 -11.91
CA THR A 577 4.00 18.72 -12.52
C THR A 577 3.24 17.83 -11.53
N ALA A 578 2.09 17.31 -11.97
CA ALA A 578 1.27 16.41 -11.17
C ALA A 578 0.43 17.08 -10.07
N GLY A 579 0.68 18.36 -9.82
CA GLY A 579 -0.06 19.06 -8.80
C GLY A 579 -1.56 19.09 -9.00
N THR A 580 -1.99 19.21 -10.25
CA THR A 580 -3.42 19.29 -10.55
C THR A 580 -4.27 18.16 -9.95
N GLY A 581 -3.68 16.98 -9.78
CA GLY A 581 -4.43 15.86 -9.22
C GLY A 581 -4.76 15.97 -7.74
N TRP A 582 -4.11 16.87 -7.02
CA TRP A 582 -4.34 17.02 -5.59
C TRP A 582 -5.33 18.11 -5.24
N ALA A 583 -5.85 18.79 -6.26
CA ALA A 583 -6.80 19.88 -6.09
C ALA A 583 -8.02 19.54 -5.26
N TYR A 584 -8.52 18.32 -5.38
CA TYR A 584 -9.70 17.96 -4.62
C TYR A 584 -9.48 18.05 -3.12
N ASP A 585 -8.32 17.60 -2.68
CA ASP A 585 -7.99 17.62 -1.25
C ASP A 585 -7.51 18.96 -0.73
N TYR A 586 -6.75 19.68 -1.55
CA TYR A 586 -6.19 20.96 -1.11
C TYR A 586 -6.87 22.24 -1.54
N GLY A 587 -7.35 22.27 -2.78
CA GLY A 587 -7.94 23.50 -3.30
C GLY A 587 -6.73 24.24 -3.87
N THR A 588 -6.93 25.28 -4.67
CA THR A 588 -5.77 26.02 -5.20
C THR A 588 -5.90 27.49 -4.90
N SER A 589 -4.77 28.20 -4.92
CA SER A 589 -4.76 29.63 -4.66
C SER A 589 -5.53 30.39 -5.75
N ALA A 590 -5.91 29.69 -6.82
CA ALA A 590 -6.65 30.32 -7.91
C ALA A 590 -8.17 30.16 -7.77
N ASP A 591 -8.60 29.28 -6.87
CA ASP A 591 -10.03 29.01 -6.64
C ASP A 591 -10.87 30.20 -6.20
N SER A 592 -10.37 30.96 -5.24
CA SER A 592 -11.10 32.10 -4.71
C SER A 592 -10.26 32.79 -3.66
N GLU A 593 -10.67 33.98 -3.25
CA GLU A 593 -9.91 34.70 -2.26
C GLU A 593 -9.92 33.90 -0.96
N ALA A 594 -11.05 33.29 -0.62
CA ALA A 594 -11.15 32.50 0.59
C ALA A 594 -10.19 31.31 0.56
N MET A 595 -10.14 30.58 -0.55
CA MET A 595 -9.23 29.44 -0.64
C MET A 595 -7.78 29.92 -0.59
N PHE A 596 -7.49 31.02 -1.27
CA PHE A 596 -6.14 31.57 -1.26
C PHE A 596 -5.73 31.96 0.15
N ASP A 597 -6.60 32.69 0.84
CA ASP A 597 -6.28 33.11 2.21
C ASP A 597 -6.08 31.91 3.14
N TYR A 598 -6.86 30.86 2.95
CA TYR A 598 -6.74 29.68 3.80
C TYR A 598 -5.41 28.98 3.53
N LEU A 599 -5.10 28.78 2.26
CA LEU A 599 -3.84 28.13 1.87
C LEU A 599 -2.62 28.90 2.37
N LYS A 600 -2.63 30.23 2.24
CA LYS A 600 -1.52 31.05 2.68
C LYS A 600 -1.38 31.01 4.21
N GLY A 601 -2.51 30.83 4.88
CA GLY A 601 -2.53 30.76 6.33
C GLY A 601 -1.71 29.59 6.90
N TYR A 602 -1.61 28.47 6.17
CA TYR A 602 -0.84 27.33 6.68
C TYR A 602 0.32 26.87 5.79
N SER A 603 0.39 27.36 4.55
CA SER A 603 1.48 26.98 3.64
C SER A 603 2.79 27.03 4.42
N PRO A 604 3.51 25.89 4.52
CA PRO A 604 4.77 25.95 5.29
C PRO A 604 5.79 26.97 4.80
N LEU A 605 6.01 27.01 3.49
CA LEU A 605 6.97 27.95 2.90
C LEU A 605 6.68 29.38 3.32
N HIS A 606 5.41 29.75 3.31
CA HIS A 606 5.00 31.11 3.64
C HIS A 606 4.79 31.40 5.12
N ASN A 607 5.07 30.41 5.97
CA ASN A 607 4.87 30.63 7.40
C ASN A 607 6.14 30.48 8.22
N VAL A 608 7.28 30.40 7.54
CA VAL A 608 8.55 30.34 8.22
C VAL A 608 8.78 31.83 8.57
N ARG A 609 9.20 32.11 9.80
CA ARG A 609 9.42 33.49 10.21
C ARG A 609 10.80 33.77 10.80
N PRO A 610 11.37 34.96 10.51
CA PRO A 610 12.69 35.33 11.01
C PRO A 610 12.70 35.49 12.52
N GLY A 611 13.76 35.02 13.16
CA GLY A 611 13.85 35.16 14.60
C GLY A 611 13.26 34.02 15.39
N VAL A 612 12.57 33.11 14.70
CA VAL A 612 11.97 31.94 15.36
C VAL A 612 13.02 30.84 15.50
N SER A 613 12.91 30.05 16.57
CA SER A 613 13.83 28.95 16.77
C SER A 613 13.12 27.67 16.33
N TYR A 614 13.56 27.10 15.21
CA TYR A 614 12.94 25.88 14.69
C TYR A 614 13.63 24.62 15.23
N PRO A 615 12.94 23.47 15.19
CA PRO A 615 13.57 22.25 15.69
C PRO A 615 14.68 21.89 14.71
N SER A 616 15.48 20.89 15.06
CA SER A 616 16.52 20.41 14.18
C SER A 616 15.73 19.79 13.03
N THR A 617 16.10 20.14 11.81
CA THR A 617 15.35 19.65 10.67
C THR A 617 16.20 19.02 9.60
N MET A 618 15.72 17.90 9.07
CA MET A 618 16.38 17.23 7.98
C MET A 618 15.34 17.08 6.87
N VAL A 619 15.36 17.99 5.90
CA VAL A 619 14.43 17.94 4.77
C VAL A 619 15.02 16.92 3.78
N THR A 620 14.20 15.99 3.28
CA THR A 620 14.71 15.01 2.33
C THR A 620 13.92 15.01 1.04
N THR A 621 14.64 14.78 -0.06
CA THR A 621 14.05 14.75 -1.40
C THR A 621 15.08 14.26 -2.40
N ALA A 622 14.60 13.80 -3.56
CA ALA A 622 15.47 13.34 -4.64
C ALA A 622 15.78 14.62 -5.42
N ASP A 623 16.86 14.62 -6.19
CA ASP A 623 17.25 15.80 -6.95
C ASP A 623 16.29 16.13 -8.09
N HIS A 624 15.53 15.13 -8.54
CA HIS A 624 14.55 15.29 -9.63
C HIS A 624 13.35 14.38 -9.31
N ASN A 625 12.13 14.91 -9.46
CA ASN A 625 10.93 14.14 -9.16
C ASN A 625 9.71 14.74 -9.87
N ASP A 626 8.97 13.90 -10.60
CA ASP A 626 7.79 14.35 -11.35
C ASP A 626 6.52 14.43 -10.51
N ARG A 627 6.40 13.52 -9.53
CA ARG A 627 5.25 13.46 -8.65
C ARG A 627 5.21 14.66 -7.69
N VAL A 628 6.26 14.83 -6.89
CA VAL A 628 6.36 15.98 -5.99
C VAL A 628 7.71 16.61 -6.32
N VAL A 629 7.69 17.71 -7.05
CA VAL A 629 8.91 18.38 -7.46
C VAL A 629 9.77 18.86 -6.28
N PRO A 630 11.09 18.70 -6.41
CA PRO A 630 12.04 19.11 -5.37
C PRO A 630 11.91 20.57 -4.98
N ALA A 631 11.35 21.36 -5.89
CA ALA A 631 11.16 22.80 -5.65
C ALA A 631 10.61 23.09 -4.25
N HIS A 632 9.63 22.30 -3.84
CA HIS A 632 9.01 22.47 -2.53
C HIS A 632 10.07 22.40 -1.43
N SER A 633 10.78 21.28 -1.36
CA SER A 633 11.84 21.08 -0.36
C SER A 633 12.96 22.09 -0.47
N PHE A 634 13.40 22.38 -1.71
CA PHE A 634 14.49 23.33 -1.91
C PHE A 634 14.17 24.69 -1.34
N LYS A 635 13.01 25.23 -1.70
CA LYS A 635 12.62 26.55 -1.22
C LYS A 635 12.36 26.57 0.29
N PHE A 636 11.81 25.48 0.82
CA PHE A 636 11.54 25.41 2.24
C PHE A 636 12.85 25.38 3.02
N ALA A 637 13.81 24.56 2.59
CA ALA A 637 15.11 24.48 3.27
C ALA A 637 15.83 25.83 3.20
N ALA A 638 15.78 26.46 2.03
CA ALA A 638 16.43 27.77 1.86
C ALA A 638 15.84 28.78 2.85
N THR A 639 14.53 28.77 2.99
CA THR A 639 13.84 29.69 3.88
C THR A 639 14.13 29.42 5.37
N LEU A 640 14.20 28.15 5.75
CA LEU A 640 14.52 27.80 7.14
C LEU A 640 15.94 28.28 7.46
N GLN A 641 16.85 28.03 6.53
CA GLN A 641 18.24 28.42 6.74
C GLN A 641 18.39 29.92 6.85
N ALA A 642 17.58 30.67 6.11
CA ALA A 642 17.66 32.12 6.17
C ALA A 642 16.97 32.71 7.41
N ASP A 643 15.88 32.09 7.82
CA ASP A 643 15.08 32.58 8.94
C ASP A 643 15.36 32.05 10.34
N ASN A 644 15.77 30.80 10.47
CA ASN A 644 16.02 30.24 11.81
C ASN A 644 17.06 31.02 12.60
N ALA A 645 16.71 31.38 13.83
CA ALA A 645 17.63 32.14 14.66
C ALA A 645 18.13 31.33 15.85
N GLY A 646 17.59 30.13 16.02
CA GLY A 646 17.99 29.28 17.13
C GLY A 646 19.22 28.43 16.83
N PRO A 647 19.65 27.61 17.79
CA PRO A 647 20.83 26.75 17.64
C PRO A 647 20.70 25.48 16.78
N HIS A 648 19.49 25.09 16.43
CA HIS A 648 19.32 23.85 15.68
C HIS A 648 19.58 23.95 14.21
N PRO A 649 20.24 22.92 13.64
CA PRO A 649 20.56 22.87 12.22
C PRO A 649 19.33 22.64 11.35
N GLN A 650 19.29 23.33 10.21
CA GLN A 650 18.20 23.19 9.26
C GLN A 650 18.89 22.65 8.02
N LEU A 651 18.86 21.34 7.85
CA LEU A 651 19.54 20.73 6.73
C LEU A 651 18.64 20.10 5.66
N ILE A 652 19.20 19.90 4.47
CA ILE A 652 18.47 19.22 3.41
C ILE A 652 19.39 18.11 2.87
N ARG A 653 18.82 16.93 2.68
CA ARG A 653 19.55 15.77 2.17
C ARG A 653 18.90 15.42 0.83
N ILE A 654 19.64 15.65 -0.25
CA ILE A 654 19.14 15.41 -1.62
C ILE A 654 19.65 14.12 -2.22
N GLU A 655 18.76 13.16 -2.45
CA GLU A 655 19.16 11.88 -3.03
C GLU A 655 19.46 12.06 -4.50
N THR A 656 20.61 11.55 -4.94
CA THR A 656 21.01 11.65 -6.34
C THR A 656 21.23 10.25 -6.92
N PRO A 665 18.80 1.73 -5.10
CA PRO A 665 18.76 0.37 -4.57
C PRO A 665 18.44 0.37 -3.08
N VAL A 666 18.41 -0.82 -2.47
CA VAL A 666 18.14 -0.92 -1.05
C VAL A 666 19.32 -0.26 -0.34
N ALA A 667 20.46 -0.23 -1.01
CA ALA A 667 21.67 0.38 -0.46
C ALA A 667 21.39 1.82 -0.08
N LYS A 668 20.71 2.55 -0.96
CA LYS A 668 20.38 3.94 -0.69
C LYS A 668 19.32 4.03 0.39
N LEU A 669 18.41 3.08 0.43
CA LEU A 669 17.36 3.07 1.44
C LEU A 669 17.98 2.86 2.83
N ILE A 670 18.99 2.01 2.90
CA ILE A 670 19.64 1.72 4.17
C ILE A 670 20.38 2.97 4.65
N GLU A 671 21.06 3.62 3.72
CA GLU A 671 21.82 4.83 4.01
C GLU A 671 20.88 5.96 4.48
N GLN A 672 19.71 6.03 3.84
CA GLN A 672 18.70 7.05 4.17
C GLN A 672 18.18 6.84 5.59
N SER A 673 17.80 5.60 5.91
CA SER A 673 17.29 5.30 7.24
C SER A 673 18.35 5.52 8.31
N ALA A 674 19.59 5.14 8.03
CA ALA A 674 20.67 5.31 9.00
C ALA A 674 20.92 6.79 9.29
N ASP A 675 20.94 7.61 8.25
CA ASP A 675 21.16 9.05 8.41
C ASP A 675 20.07 9.70 9.27
N ILE A 676 18.82 9.31 9.01
CA ILE A 676 17.69 9.87 9.75
C ILE A 676 17.68 9.48 11.23
N TYR A 677 17.91 8.21 11.54
CA TYR A 677 17.93 7.80 12.94
C TYR A 677 19.15 8.38 13.67
N ALA A 678 20.30 8.41 13.00
CA ALA A 678 21.51 8.96 13.60
C ALA A 678 21.30 10.43 13.88
N PHE A 679 20.81 11.17 12.88
CA PHE A 679 20.53 12.60 13.02
C PHE A 679 19.55 12.82 14.18
N THR A 680 18.47 12.06 14.20
CA THR A 680 17.47 12.22 15.25
C THR A 680 18.06 12.04 16.66
N LEU A 681 18.81 10.97 16.88
CA LEU A 681 19.38 10.72 18.20
C LEU A 681 20.43 11.78 18.56
N TYR A 682 21.23 12.17 17.58
CA TYR A 682 22.28 13.15 17.83
C TYR A 682 21.69 14.50 18.24
N GLU A 683 20.64 14.92 17.53
CA GLU A 683 19.98 16.18 17.84
C GLU A 683 19.30 16.13 19.19
N MET A 684 19.01 14.94 19.67
CA MET A 684 18.40 14.80 20.98
C MET A 684 19.50 14.82 22.07
N GLY A 685 20.77 14.86 21.65
CA GLY A 685 21.85 14.91 22.62
C GLY A 685 22.47 13.58 23.06
N TYR A 686 22.11 12.48 22.42
CA TYR A 686 22.67 11.19 22.81
C TYR A 686 24.15 11.03 22.41
N ARG A 687 24.95 10.55 23.36
CA ARG A 687 26.37 10.29 23.09
C ARG A 687 26.53 8.82 22.72
N GLU A 688 25.57 8.00 23.17
CA GLU A 688 25.55 6.57 22.85
C GLU A 688 24.07 6.21 22.58
N LEU A 689 23.83 5.11 21.87
CA LEU A 689 22.45 4.69 21.59
C LEU A 689 21.69 4.59 22.90
N PRO A 690 20.39 4.90 22.88
CA PRO A 690 19.58 4.83 24.11
C PRO A 690 19.63 3.44 24.71
N ARG A 691 19.69 2.43 23.84
CA ARG A 691 19.74 1.03 24.23
C ARG A 691 20.72 0.37 23.26
N GLN A 692 21.53 -0.57 23.75
CA GLN A 692 22.46 -1.25 22.89
C GLN A 692 21.73 -2.40 22.22
N PRO A 693 21.51 -2.32 20.90
CA PRO A 693 20.81 -3.37 20.14
C PRO A 693 21.66 -4.62 19.95
N MET B 1 -19.43 2.21 -8.03
CA MET B 1 -18.65 3.47 -7.83
C MET B 1 -17.71 3.37 -6.62
N THR B 2 -16.47 3.84 -6.79
CA THR B 2 -15.46 3.80 -5.72
C THR B 2 -15.59 4.97 -4.72
N ARG B 3 -14.86 4.87 -3.60
CA ARG B 3 -14.89 5.94 -2.59
C ARG B 3 -14.37 7.21 -3.25
N SER B 4 -13.36 7.04 -4.08
CA SER B 4 -12.71 8.13 -4.80
C SER B 4 -13.68 9.00 -5.62
N ALA B 5 -14.62 8.36 -6.31
CA ALA B 5 -15.60 9.09 -7.12
C ALA B 5 -16.60 9.86 -6.27
N PHE B 6 -16.22 10.15 -5.03
CA PHE B 6 -17.07 10.87 -4.07
C PHE B 6 -18.27 11.54 -4.71
N LEU C 9 -24.05 7.94 2.34
CA LEU C 9 -24.81 8.72 3.36
C LEU C 9 -24.11 8.74 4.72
N PRO C 10 -24.30 9.83 5.49
CA PRO C 10 -23.70 10.05 6.81
C PRO C 10 -22.26 9.69 7.04
N LEU C 11 -21.97 8.96 8.09
CA LEU C 11 -20.58 8.61 8.38
C LEU C 11 -20.05 7.51 7.46
N TRP C 12 -20.75 7.26 6.36
CA TRP C 12 -20.36 6.24 5.39
C TRP C 12 -19.22 6.69 4.49
N LYS C 13 -18.37 5.73 4.09
CA LYS C 13 -17.24 6.03 3.22
C LYS C 13 -17.48 5.55 1.79
C1 GOL D . -19.05 -24.26 -0.47
O1 GOL D . -18.81 -25.33 0.45
C2 GOL D . -19.54 -24.84 -1.79
O2 GOL D . -20.74 -25.58 -1.56
C3 GOL D . -19.81 -23.70 -2.76
O3 GOL D . -20.25 -24.24 -4.01
C1 GOL E . 5.89 -14.34 0.88
O1 GOL E . 4.62 -14.57 1.50
C2 GOL E . 6.35 -15.61 0.17
O2 GOL E . 5.40 -15.99 -0.83
C3 GOL E . 7.71 -15.36 -0.49
O3 GOL E . 8.12 -16.56 -1.14
C1 GOL F . -15.37 15.77 11.67
O1 GOL F . -14.17 16.26 12.24
C2 GOL F . -15.35 14.26 11.71
O2 GOL F . -15.22 13.80 13.08
C3 GOL F . -16.64 13.74 11.09
O3 GOL F . -16.63 12.33 11.12
OXT 15P G . -15.98 9.23 8.11
C1 15P G . -17.23 9.14 8.73
C2 15P G . -17.14 9.73 10.14
O1 15P G . -16.57 8.79 11.02
C3 15P G . -16.55 9.35 12.30
C4 15P G . -15.91 8.34 13.22
O2 15P G . -15.23 9.06 14.19
C5 15P G . -14.58 8.19 15.11
C6 15P G . -13.91 9.13 16.11
O3 15P G . -14.90 10.13 16.43
C7 15P G . -14.33 11.05 17.36
C8 15P G . -15.36 12.12 17.73
#